data_8T41
#
_entry.id   8T41
#
_cell.length_a   283.588
_cell.length_b   56.747
_cell.length_c   58.138
_cell.angle_alpha   90.00
_cell.angle_beta   97.88
_cell.angle_gamma   90.00
#
_symmetry.space_group_name_H-M   'C 1 2 1'
#
loop_
_entity.id
_entity.type
_entity.pdbx_description
1 polymer 'Aminopeptidase N'
2 non-polymer 'ZINC ION'
3 non-polymer 'MAGNESIUM ION'
4 water water
#
_entity_poly.entity_id   1
_entity_poly.type   'polypeptide(L)'
_entity_poly.pdbx_seq_one_letter_code
;MALPNLTRDQAVERAALITVDSYQIILDVTDGNGAPGERTFRSTTTVVFDALPGADTVIDISAHTVRRASLNDQDLDVSG
YDEAAGIPLRGLAQRNVVVVDADCHYSNTGEGLHRFVDPVDGETYLYSQFETADAKRMFACFDQPDLKATFDVRVTAPAH
WKVISNGAPLAAANGVHTFATTPRMSTYLVALIAGPYAAWTDTYIDDHGEIPLGIYCRASLAEYMDAERLFTQTKQGFGF
YHKHFGLPYAFGKYDQLFVPEFNAGAMENAGAVTFLEDYVFRSKVTRASYERRAETVLHEMAHMWFGDLVTMTWWDDLWL
NESFATFASVLCQSEATEFTEAWTTFATVEKSWAYRQDQLPSTHPIAADIPDLAAVEVNFDGITYAKGASVLKQLVAYVG
LERFLAGLRDYFRTHAFGNASFDDLLAALEKASGRDLSNWGEQWLKTTGLNTLRPDFEVDAEGRFTRFAVTQSGAAPGAG
ETRVHRLAVGIYDDDGSKSSGKLVRVHREELDVSGPITNVPALVGVSRGKLILVNDDDLTYCSLRLDERSLQTALDRIAD
IAEPLPRTLVWSAAWEMTREAELRARDFVSLVSGGVHAETEVGVAQRLLLQAQTALGCYAEPGWARERGWPQFADRLLEL
AREAEPGSDHQLAYINSLCSSVLSPRHVQTLGALLEGEPAACGLAGLAVDTDLRWRIVTALATAGAIDADGPETPRIDAE
VQRDPTAAGKRHAAQARAARPQFVVKDEAFTTVVEDDTLANATGRAMIAGIAAPGQGELLKPFARRYFQAIPGVWARRSS
EVAQSVVIGLYPHWDISEQGITAAEEFLSDPEVPPALRRLVLEGQAAVQRSLRARNFDADGHHHHHH
;
_entity_poly.pdbx_strand_id   A
#
# COMPACT_ATOMS: atom_id res chain seq x y z
N ALA A 2 8.44 -15.57 20.87
CA ALA A 2 7.43 -14.76 20.14
C ALA A 2 7.26 -13.41 20.85
N LEU A 3 7.17 -12.36 20.07
CA LEU A 3 7.01 -11.03 20.66
C LEU A 3 5.63 -10.97 21.31
N PRO A 4 5.45 -10.09 22.29
CA PRO A 4 4.16 -9.97 22.96
C PRO A 4 3.06 -9.40 22.07
N ASN A 5 1.87 -9.97 22.15
CA ASN A 5 0.67 -9.45 21.47
C ASN A 5 0.02 -8.46 22.38
N LEU A 6 0.58 -7.27 22.42
CA LEU A 6 0.07 -6.21 23.30
C LEU A 6 -1.40 -5.97 23.02
N THR A 7 -2.23 -5.99 24.06
CA THR A 7 -3.67 -5.67 23.96
C THR A 7 -3.94 -4.20 24.23
N ARG A 8 -5.05 -3.72 23.69
CA ARG A 8 -5.54 -2.38 23.95
C ARG A 8 -5.62 -2.20 25.47
N ASP A 9 -6.19 -3.19 26.18
CA ASP A 9 -6.33 -3.08 27.64
C ASP A 9 -4.95 -2.95 28.29
N GLN A 10 -3.97 -3.75 27.90
CA GLN A 10 -2.61 -3.67 28.47
C GLN A 10 -2.02 -2.30 28.20
N ALA A 11 -2.21 -1.73 27.01
CA ALA A 11 -1.64 -0.43 26.67
C ALA A 11 -2.27 0.64 27.56
N VAL A 12 -3.58 0.62 27.70
CA VAL A 12 -4.28 1.61 28.57
C VAL A 12 -3.76 1.48 30.01
N GLU A 13 -3.61 0.27 30.49
CA GLU A 13 -3.16 -0.02 31.88
C GLU A 13 -1.75 0.57 32.02
N ARG A 14 -0.83 0.34 31.09
CA ARG A 14 0.55 0.81 31.24
C ARG A 14 0.61 2.31 31.18
N ALA A 15 -0.14 2.95 30.28
CA ALA A 15 -0.11 4.41 30.14
C ALA A 15 -0.71 5.09 31.38
N ALA A 16 -1.54 4.41 32.15
CA ALA A 16 -2.10 5.01 33.38
C ALA A 16 -1.01 4.99 34.45
N LEU A 17 0.04 4.21 34.31
CA LEU A 17 1.04 4.03 35.39
C LEU A 17 2.33 4.80 35.18
N ILE A 18 2.71 5.03 33.91
CA ILE A 18 4.03 5.64 33.61
C ILE A 18 3.88 6.74 32.58
N THR A 19 4.81 7.69 32.66
CA THR A 19 5.00 8.74 31.65
C THR A 19 6.50 8.84 31.39
N VAL A 20 6.87 8.69 30.12
CA VAL A 20 8.30 8.59 29.77
C VAL A 20 8.82 9.97 29.43
N ASP A 21 10.05 10.26 29.85
CA ASP A 21 10.77 11.50 29.49
C ASP A 21 11.69 11.23 28.30
N SER A 22 12.67 10.34 28.47
CA SER A 22 13.78 10.24 27.52
C SER A 22 14.25 8.81 27.35
N TYR A 23 14.73 8.51 26.15
CA TYR A 23 15.56 7.34 25.87
C TYR A 23 16.93 7.77 25.41
N GLN A 24 17.93 7.04 25.84
CA GLN A 24 19.29 7.08 25.26
C GLN A 24 19.55 5.70 24.70
N ILE A 25 19.82 5.63 23.40
CA ILE A 25 20.03 4.34 22.71
C ILE A 25 21.46 4.30 22.21
N ILE A 26 22.20 3.32 22.67
CA ILE A 26 23.62 3.13 22.28
C ILE A 26 23.74 1.80 21.55
N LEU A 27 24.10 1.88 20.28
CA LEU A 27 24.18 0.68 19.42
C LEU A 27 25.61 0.46 18.95
N ASP A 28 25.98 -0.80 18.87
CA ASP A 28 27.27 -1.21 18.26
C ASP A 28 26.94 -2.25 17.21
N VAL A 29 27.04 -1.83 15.94
CA VAL A 29 26.69 -2.73 14.81
C VAL A 29 27.95 -3.28 14.13
N THR A 30 29.08 -3.22 14.82
CA THR A 30 30.33 -3.85 14.36
C THR A 30 30.40 -5.29 14.86
N ASP A 31 31.49 -6.00 14.49
CA ASP A 31 31.80 -7.34 15.02
C ASP A 31 32.79 -7.22 16.18
N GLY A 32 33.01 -6.02 16.70
CA GLY A 32 33.96 -5.76 17.82
C GLY A 32 35.37 -5.56 17.34
N ASN A 33 35.62 -5.64 16.02
CA ASN A 33 36.95 -5.53 15.37
C ASN A 33 36.86 -4.58 14.16
N GLY A 34 35.89 -3.64 14.14
CA GLY A 34 35.79 -2.58 13.11
C GLY A 34 35.02 -3.00 11.86
N ALA A 35 34.64 -4.25 11.72
CA ALA A 35 33.95 -4.75 10.51
C ALA A 35 32.46 -4.85 10.81
N PRO A 36 31.61 -5.07 9.81
CA PRO A 36 30.18 -5.19 10.08
C PRO A 36 29.89 -6.43 10.89
N GLY A 37 28.94 -6.33 11.82
CA GLY A 37 28.45 -7.50 12.53
C GLY A 37 27.60 -8.39 11.64
N GLU A 38 27.46 -9.64 12.02
CA GLU A 38 26.78 -10.62 11.16
C GLU A 38 25.52 -11.19 11.76
N ARG A 39 25.42 -11.29 13.08
CA ARG A 39 24.26 -12.01 13.70
C ARG A 39 23.58 -11.14 14.77
N THR A 40 24.34 -10.63 15.71
CA THR A 40 23.82 -9.74 16.75
C THR A 40 24.56 -8.41 16.78
N PHE A 41 23.88 -7.43 17.35
CA PHE A 41 24.40 -6.10 17.65
C PHE A 41 24.17 -5.77 19.11
N ARG A 42 25.02 -4.93 19.66
CA ARG A 42 24.82 -4.53 21.06
C ARG A 42 23.90 -3.33 21.14
N SER A 43 23.00 -3.37 22.12
CA SER A 43 22.02 -2.29 22.35
C SER A 43 22.00 -2.03 23.86
N THR A 44 22.36 -0.83 24.25
CA THR A 44 22.37 -0.42 25.67
C THR A 44 21.47 0.79 25.82
N THR A 45 20.28 0.61 26.40
CA THR A 45 19.22 1.63 26.48
C THR A 45 19.08 2.14 27.90
N THR A 46 18.97 3.44 28.06
CA THR A 46 18.65 4.12 29.30
C THR A 46 17.35 4.86 29.11
N VAL A 47 16.34 4.53 29.91
CA VAL A 47 15.03 5.23 29.84
C VAL A 47 14.73 5.87 31.18
N VAL A 48 14.32 7.11 31.12
CA VAL A 48 13.92 7.91 32.29
C VAL A 48 12.43 8.10 32.23
N PHE A 49 11.72 7.75 33.31
CA PHE A 49 10.25 7.84 33.29
C PHE A 49 9.71 8.02 34.70
N ASP A 50 8.59 8.70 34.78
CA ASP A 50 7.90 8.85 36.07
C ASP A 50 6.87 7.73 36.18
N ALA A 51 6.47 7.37 37.40
CA ALA A 51 5.49 6.31 37.62
C ALA A 51 4.62 6.63 38.82
N LEU A 52 3.49 5.95 38.90
CA LEU A 52 2.70 5.88 40.15
C LEU A 52 3.58 5.04 41.10
N PRO A 53 4.10 5.63 42.21
CA PRO A 53 5.03 4.88 43.04
C PRO A 53 4.34 3.67 43.72
N GLY A 54 5.02 2.55 43.68
CA GLY A 54 4.50 1.29 44.15
C GLY A 54 3.84 0.43 43.11
N ALA A 55 3.65 0.92 41.89
CA ALA A 55 3.10 0.08 40.80
C ALA A 55 4.18 -0.83 40.20
N ASP A 56 3.77 -1.79 39.37
CA ASP A 56 4.66 -2.59 38.55
C ASP A 56 4.38 -2.28 37.09
N THR A 57 5.40 -2.48 36.26
CA THR A 57 5.18 -2.49 34.80
C THR A 57 6.14 -3.52 34.20
N VAL A 58 6.21 -3.44 32.87
CA VAL A 58 7.09 -4.27 32.03
C VAL A 58 7.75 -3.34 31.03
N ILE A 59 9.05 -3.48 30.86
CA ILE A 59 9.73 -2.88 29.66
C ILE A 59 9.89 -3.98 28.63
N ASP A 60 9.61 -3.61 27.36
CA ASP A 60 9.62 -4.59 26.26
C ASP A 60 11.01 -4.70 25.68
N ILE A 61 11.41 -5.89 25.29
CA ILE A 61 12.73 -6.12 24.63
C ILE A 61 12.71 -7.51 24.02
N SER A 62 13.09 -7.62 22.75
CA SER A 62 13.29 -8.87 22.01
C SER A 62 14.78 -8.97 21.71
N ALA A 63 15.51 -9.81 22.44
CA ALA A 63 16.97 -9.87 22.36
C ALA A 63 17.41 -11.33 22.35
N HIS A 64 18.57 -11.54 21.76
CA HIS A 64 19.24 -12.85 21.80
C HIS A 64 19.70 -13.10 23.23
N THR A 65 20.29 -12.09 23.86
CA THR A 65 20.83 -12.16 25.24
C THR A 65 20.51 -10.84 25.90
N VAL A 66 20.03 -10.87 27.13
CA VAL A 66 20.06 -9.68 27.98
C VAL A 66 21.25 -9.84 28.90
N ARG A 67 22.22 -8.99 28.74
CA ARG A 67 23.44 -9.04 29.58
C ARG A 67 23.14 -8.55 30.99
N ARG A 68 22.47 -7.40 31.12
N ARG A 68 22.33 -7.50 31.12
CA ARG A 68 22.08 -6.87 32.44
CA ARG A 68 22.14 -6.77 32.40
C ARG A 68 20.87 -5.97 32.28
C ARG A 68 20.90 -5.90 32.28
N ALA A 69 20.15 -5.75 33.36
CA ALA A 69 19.07 -4.78 33.43
C ALA A 69 19.04 -4.25 34.85
N SER A 70 18.71 -2.98 35.00
CA SER A 70 18.65 -2.35 36.32
C SER A 70 17.47 -1.42 36.39
N LEU A 71 16.86 -1.35 37.58
CA LEU A 71 15.84 -0.35 37.93
C LEU A 71 16.44 0.54 39.02
N ASN A 72 16.60 1.81 38.78
CA ASN A 72 17.20 2.74 39.77
C ASN A 72 18.51 2.17 40.32
N ASP A 73 19.35 1.63 39.47
CA ASP A 73 20.70 1.09 39.81
C ASP A 73 20.62 -0.13 40.74
N GLN A 74 19.48 -0.80 40.84
CA GLN A 74 19.37 -2.14 41.44
C GLN A 74 19.35 -3.13 40.29
N ASP A 75 20.29 -4.06 40.29
CA ASP A 75 20.43 -5.10 39.28
C ASP A 75 19.24 -6.07 39.37
N LEU A 76 18.69 -6.42 38.23
CA LEU A 76 17.56 -7.33 38.10
C LEU A 76 18.02 -8.70 37.70
N ASP A 77 17.31 -9.71 38.15
CA ASP A 77 17.55 -11.10 37.74
C ASP A 77 16.95 -11.32 36.35
N VAL A 78 17.82 -11.45 35.36
CA VAL A 78 17.41 -11.66 33.95
C VAL A 78 17.64 -13.12 33.55
N SER A 79 17.91 -14.00 34.52
CA SER A 79 18.25 -15.41 34.20
C SER A 79 17.08 -16.10 33.49
N GLY A 80 15.83 -15.71 33.75
CA GLY A 80 14.64 -16.32 33.14
C GLY A 80 14.05 -15.48 31.99
N TYR A 81 14.81 -14.53 31.48
CA TYR A 81 14.36 -13.64 30.38
C TYR A 81 13.70 -14.42 29.23
N ASP A 82 12.53 -13.95 28.84
CA ASP A 82 11.78 -14.41 27.66
C ASP A 82 11.19 -13.18 26.96
N GLU A 83 11.43 -13.04 25.66
CA GLU A 83 10.94 -11.88 24.89
C GLU A 83 9.41 -11.73 25.05
N ALA A 84 8.63 -12.80 25.19
CA ALA A 84 7.17 -12.70 25.35
C ALA A 84 6.80 -11.92 26.61
N ALA A 85 7.67 -11.96 27.62
CA ALA A 85 7.40 -11.38 28.94
C ALA A 85 8.12 -10.04 29.14
N GLY A 86 9.04 -9.65 28.28
CA GLY A 86 9.85 -8.46 28.54
C GLY A 86 10.63 -8.59 29.84
N ILE A 87 10.92 -7.45 30.43
CA ILE A 87 11.61 -7.41 31.75
C ILE A 87 10.64 -6.76 32.70
N PRO A 88 10.17 -7.52 33.71
CA PRO A 88 9.31 -6.92 34.71
C PRO A 88 10.05 -5.88 35.58
N LEU A 89 9.35 -4.80 35.89
CA LEU A 89 9.84 -3.71 36.72
C LEU A 89 8.89 -3.56 37.89
N ARG A 90 9.34 -4.07 39.04
N ARG A 90 9.23 -4.23 39.00
CA ARG A 90 8.44 -4.26 40.20
CA ARG A 90 8.33 -4.33 40.19
C ARG A 90 8.71 -3.15 41.22
C ARG A 90 8.67 -3.24 41.21
N GLY A 91 7.65 -2.58 41.77
CA GLY A 91 7.84 -1.66 42.90
C GLY A 91 8.50 -0.36 42.43
N LEU A 92 7.91 0.26 41.44
CA LEU A 92 8.44 1.50 40.82
C LEU A 92 8.50 2.65 41.81
N ALA A 93 9.47 3.52 41.67
CA ALA A 93 9.54 4.78 42.42
C ALA A 93 8.74 5.86 41.67
N GLN A 94 8.61 7.04 42.20
CA GLN A 94 7.96 8.15 41.48
C GLN A 94 8.76 8.49 40.21
N ARG A 95 10.09 8.52 40.34
CA ARG A 95 11.01 8.85 39.22
C ARG A 95 11.97 7.69 39.05
N ASN A 96 12.13 7.22 37.84
CA ASN A 96 12.83 5.96 37.54
C ASN A 96 13.84 6.13 36.43
N VAL A 97 14.89 5.33 36.51
N VAL A 97 14.93 5.39 36.52
CA VAL A 97 15.89 5.11 35.42
CA VAL A 97 15.84 5.16 35.36
C VAL A 97 16.06 3.62 35.25
C VAL A 97 16.07 3.65 35.23
N VAL A 98 15.80 3.12 34.04
CA VAL A 98 16.03 1.70 33.72
C VAL A 98 17.12 1.65 32.65
N VAL A 99 18.03 0.73 32.85
CA VAL A 99 19.08 0.42 31.85
C VAL A 99 18.92 -1.03 31.45
N VAL A 100 18.92 -1.28 30.14
CA VAL A 100 18.91 -2.66 29.61
C VAL A 100 20.07 -2.79 28.62
N ASP A 101 20.99 -3.68 28.86
CA ASP A 101 22.15 -3.94 27.98
C ASP A 101 21.95 -5.30 27.37
N ALA A 102 21.84 -5.36 26.04
CA ALA A 102 21.41 -6.59 25.36
C ALA A 102 22.21 -6.79 24.09
N ASP A 103 22.18 -8.01 23.62
CA ASP A 103 22.56 -8.39 22.22
C ASP A 103 21.31 -8.74 21.49
N CYS A 104 20.98 -7.93 20.48
CA CYS A 104 19.77 -8.06 19.66
C CYS A 104 20.15 -8.71 18.34
N HIS A 105 19.21 -9.43 17.74
CA HIS A 105 19.47 -10.14 16.48
C HIS A 105 19.14 -9.23 15.30
N TYR A 106 20.00 -9.24 14.27
CA TYR A 106 19.61 -8.67 12.98
C TYR A 106 18.46 -9.48 12.37
N SER A 107 17.67 -8.82 11.55
CA SER A 107 16.56 -9.43 10.76
C SER A 107 16.96 -9.57 9.30
N ASN A 108 16.43 -10.57 8.60
CA ASN A 108 16.42 -10.54 7.12
C ASN A 108 14.96 -10.64 6.65
N THR A 109 14.02 -10.17 7.45
CA THR A 109 12.60 -10.22 7.07
C THR A 109 11.93 -8.87 7.22
N GLY A 110 12.68 -7.79 7.39
CA GLY A 110 12.14 -6.43 7.25
C GLY A 110 11.45 -5.89 8.47
N GLU A 111 11.68 -6.47 9.63
CA GLU A 111 11.15 -5.99 10.92
C GLU A 111 12.27 -5.97 11.95
N GLY A 112 12.48 -4.83 12.60
CA GLY A 112 13.61 -4.69 13.54
C GLY A 112 14.76 -4.01 12.81
N LEU A 113 15.98 -4.40 13.08
CA LEU A 113 17.15 -3.88 12.39
C LEU A 113 17.56 -4.93 11.35
N HIS A 114 17.18 -4.62 10.11
CA HIS A 114 17.36 -5.52 8.95
C HIS A 114 18.79 -5.39 8.44
N ARG A 115 19.39 -6.52 8.09
CA ARG A 115 20.77 -6.59 7.56
C ARG A 115 20.71 -7.25 6.19
N PHE A 116 21.41 -6.66 5.24
CA PHE A 116 21.51 -7.11 3.83
C PHE A 116 22.95 -7.04 3.39
N VAL A 117 23.39 -8.04 2.64
CA VAL A 117 24.71 -8.03 1.99
C VAL A 117 24.55 -7.96 0.49
N ASP A 118 25.14 -6.94 -0.12
CA ASP A 118 25.02 -6.72 -1.58
C ASP A 118 25.92 -7.71 -2.30
N PRO A 119 25.40 -8.59 -3.17
CA PRO A 119 26.28 -9.57 -3.83
C PRO A 119 27.26 -8.94 -4.84
N VAL A 120 27.02 -7.74 -5.30
CA VAL A 120 27.87 -7.06 -6.33
C VAL A 120 29.22 -6.71 -5.72
N ASP A 121 29.22 -6.22 -4.48
CA ASP A 121 30.40 -5.57 -3.89
C ASP A 121 30.66 -6.10 -2.50
N GLY A 122 29.86 -7.04 -1.97
CA GLY A 122 30.07 -7.57 -0.62
C GLY A 122 29.76 -6.59 0.50
N GLU A 123 29.22 -5.43 0.21
CA GLU A 123 28.95 -4.40 1.25
C GLU A 123 27.70 -4.79 2.05
N THR A 124 27.76 -4.48 3.34
CA THR A 124 26.62 -4.65 4.27
C THR A 124 25.86 -3.36 4.40
N TYR A 125 24.54 -3.45 4.38
CA TYR A 125 23.61 -2.34 4.60
C TYR A 125 22.58 -2.74 5.65
N LEU A 126 22.29 -1.84 6.55
CA LEU A 126 21.27 -1.94 7.60
C LEU A 126 20.19 -0.91 7.40
N TYR A 127 18.98 -1.26 7.84
CA TYR A 127 17.93 -0.25 8.03
C TYR A 127 17.01 -0.82 9.09
N SER A 128 16.30 0.09 9.75
CA SER A 128 15.27 -0.26 10.75
C SER A 128 13.87 -0.14 10.16
N GLN A 129 12.96 -0.94 10.70
CA GLN A 129 11.51 -0.83 10.41
C GLN A 129 10.79 -1.30 11.64
N PHE A 130 10.01 -0.40 12.25
CA PHE A 130 9.43 -0.75 13.56
C PHE A 130 7.91 -0.69 13.58
N GLU A 131 7.20 -0.08 12.61
CA GLU A 131 5.72 -0.03 12.75
C GLU A 131 5.18 -1.44 12.50
N THR A 132 4.39 -2.01 13.40
CA THR A 132 3.80 -1.37 14.58
C THR A 132 4.65 -1.46 15.84
N ALA A 133 5.15 -2.65 16.23
CA ALA A 133 5.73 -2.80 17.57
C ALA A 133 7.00 -3.63 17.49
N ASP A 134 7.89 -3.27 16.54
CA ASP A 134 9.19 -3.93 16.42
C ASP A 134 10.35 -3.05 16.90
N ALA A 135 10.11 -1.88 17.45
CA ALA A 135 11.20 -1.10 18.10
C ALA A 135 11.89 -1.92 19.18
N LYS A 136 11.12 -2.73 19.89
CA LYS A 136 11.67 -3.60 20.94
C LYS A 136 12.68 -4.61 20.40
N ARG A 137 12.80 -4.82 19.08
CA ARG A 137 13.86 -5.68 18.53
C ARG A 137 15.17 -4.93 18.41
N MET A 138 15.21 -3.62 18.61
CA MET A 138 16.46 -2.85 18.52
C MET A 138 16.83 -2.24 19.87
N PHE A 139 15.87 -1.86 20.69
CA PHE A 139 16.15 -1.22 21.99
C PHE A 139 15.02 -1.53 22.94
N ALA A 140 15.35 -1.61 24.22
CA ALA A 140 14.33 -1.84 25.27
C ALA A 140 13.43 -0.64 25.38
N CYS A 141 12.12 -0.82 25.39
CA CYS A 141 11.22 0.35 25.42
C CYS A 141 9.80 -0.05 25.83
N PHE A 142 9.00 0.95 26.15
CA PHE A 142 7.56 0.80 26.41
C PHE A 142 6.92 1.00 25.04
N ASP A 143 6.75 -0.09 24.30
CA ASP A 143 6.55 -0.01 22.82
C ASP A 143 5.06 0.15 22.52
N GLN A 144 4.58 1.37 22.66
CA GLN A 144 3.19 1.71 22.36
C GLN A 144 3.13 3.18 22.03
N PRO A 145 2.28 3.62 21.12
CA PRO A 145 2.43 4.93 20.52
C PRO A 145 2.07 6.13 21.39
N ASP A 146 1.40 5.89 22.50
CA ASP A 146 1.01 7.01 23.41
C ASP A 146 1.99 7.16 24.57
N LEU A 147 3.12 6.51 24.55
CA LEU A 147 4.17 6.73 25.56
C LEU A 147 5.35 7.38 24.83
N LYS A 148 5.16 8.63 24.45
CA LYS A 148 6.16 9.39 23.68
C LYS A 148 7.35 9.74 24.56
N ALA A 149 8.44 10.07 23.94
CA ALA A 149 9.71 10.37 24.62
C ALA A 149 10.64 11.04 23.62
N THR A 150 11.67 11.73 24.13
CA THR A 150 12.81 12.14 23.30
C THR A 150 13.73 10.96 23.09
N PHE A 151 14.49 10.97 22.00
CA PHE A 151 15.47 9.93 21.67
C PHE A 151 16.83 10.55 21.40
N ASP A 152 17.83 10.02 22.08
CA ASP A 152 19.27 10.40 21.96
C ASP A 152 20.01 9.17 21.53
N VAL A 153 20.33 9.11 20.22
CA VAL A 153 20.88 7.91 19.56
C VAL A 153 22.39 8.05 19.33
N ARG A 154 23.13 7.00 19.66
CA ARG A 154 24.56 6.86 19.35
C ARG A 154 24.80 5.51 18.73
N VAL A 155 25.64 5.50 17.70
CA VAL A 155 25.92 4.26 16.92
C VAL A 155 27.42 4.13 16.68
N THR A 156 27.96 2.97 16.95
CA THR A 156 29.34 2.59 16.60
C THR A 156 29.23 1.72 15.36
N ALA A 157 29.98 2.10 14.33
CA ALA A 157 29.83 1.41 13.04
C ALA A 157 31.17 1.29 12.35
N PRO A 158 31.28 0.42 11.32
CA PRO A 158 32.49 0.39 10.49
C PRO A 158 32.81 1.78 9.98
N ALA A 159 34.11 2.06 9.86
CA ALA A 159 34.61 3.42 9.58
C ALA A 159 34.07 3.95 8.26
N HIS A 160 33.86 3.11 7.27
CA HIS A 160 33.54 3.65 5.92
C HIS A 160 32.03 3.96 5.78
N TRP A 161 31.24 3.66 6.81
CA TRP A 161 29.79 3.73 6.67
C TRP A 161 29.25 5.14 6.86
N LYS A 162 28.15 5.42 6.19
N LYS A 162 28.15 5.44 6.16
CA LYS A 162 27.25 6.50 6.62
CA LYS A 162 27.20 6.50 6.55
C LYS A 162 26.30 5.95 7.67
C LYS A 162 26.30 5.96 7.65
N VAL A 163 25.88 6.82 8.57
CA VAL A 163 24.93 6.48 9.63
C VAL A 163 23.90 7.57 9.72
N ILE A 164 22.65 7.20 9.56
CA ILE A 164 21.51 8.13 9.55
C ILE A 164 20.52 7.69 10.62
N SER A 165 20.03 8.66 11.36
CA SER A 165 18.94 8.44 12.33
C SER A 165 17.95 9.59 12.18
N ASN A 166 17.06 9.73 13.12
CA ASN A 166 16.07 10.81 13.08
C ASN A 166 16.72 12.17 13.19
N GLY A 167 17.59 12.31 14.18
CA GLY A 167 18.24 13.60 14.46
C GLY A 167 19.32 13.90 13.45
N ALA A 168 19.65 15.18 13.32
CA ALA A 168 20.81 15.61 12.53
C ALA A 168 22.08 15.01 13.12
N PRO A 169 23.04 14.64 12.27
CA PRO A 169 24.29 14.09 12.76
C PRO A 169 25.14 15.17 13.44
N LEU A 170 25.80 14.78 14.51
CA LEU A 170 27.01 15.50 14.99
C LEU A 170 28.25 14.89 14.31
N ALA A 171 29.36 15.61 14.22
CA ALA A 171 30.60 15.05 13.64
C ALA A 171 30.90 13.68 14.34
N ALA A 172 31.16 12.65 13.56
CA ALA A 172 31.51 11.31 14.02
C ALA A 172 33.01 11.27 14.39
N ALA A 173 33.41 10.43 15.34
CA ALA A 173 34.84 10.29 15.72
C ALA A 173 35.14 8.85 16.11
N ASN A 174 36.17 8.23 15.54
CA ASN A 174 36.68 6.92 16.01
C ASN A 174 35.53 5.90 15.98
N GLY A 175 34.76 5.94 14.89
CA GLY A 175 33.71 4.94 14.64
C GLY A 175 32.36 5.29 15.26
N VAL A 176 32.27 6.36 16.02
CA VAL A 176 31.10 6.66 16.89
C VAL A 176 30.35 7.85 16.32
N HIS A 177 29.08 7.62 16.01
CA HIS A 177 28.20 8.61 15.40
C HIS A 177 27.13 8.99 16.42
N THR A 178 26.99 10.27 16.69
CA THR A 178 25.95 10.76 17.62
C THR A 178 25.01 11.66 16.86
N PHE A 179 23.80 11.82 17.37
CA PHE A 179 22.72 12.52 16.68
C PHE A 179 22.03 13.49 17.60
N ALA A 180 21.48 14.54 17.06
CA ALA A 180 20.70 15.51 17.83
C ALA A 180 19.54 14.78 18.48
N THR A 181 19.21 15.16 19.70
CA THR A 181 18.05 14.63 20.41
C THR A 181 16.78 14.99 19.64
N THR A 182 15.89 14.02 19.48
CA THR A 182 14.61 14.25 18.79
C THR A 182 13.64 15.04 19.64
N PRO A 183 12.62 15.64 19.04
CA PRO A 183 11.43 16.02 19.77
C PRO A 183 10.79 14.78 20.40
N ARG A 184 9.84 14.98 21.30
CA ARG A 184 9.02 13.88 21.82
C ARG A 184 8.29 13.21 20.64
N MET A 185 8.38 11.88 20.57
CA MET A 185 7.76 11.11 19.48
C MET A 185 7.56 9.69 19.95
N SER A 186 6.91 8.90 19.11
CA SER A 186 6.60 7.51 19.41
C SER A 186 7.76 6.60 19.07
N THR A 187 7.85 5.49 19.80
CA THR A 187 8.95 4.50 19.58
C THR A 187 8.96 3.92 18.16
N TYR A 188 7.80 3.78 17.51
CA TYR A 188 7.75 3.11 16.19
C TYR A 188 8.35 3.98 15.13
N LEU A 189 8.70 5.23 15.43
CA LEU A 189 9.25 6.18 14.44
C LEU A 189 10.77 6.33 14.54
N VAL A 190 11.37 5.75 15.56
CA VAL A 190 12.85 5.81 15.71
C VAL A 190 13.48 5.11 14.51
N ALA A 191 14.57 5.64 13.98
CA ALA A 191 15.22 5.11 12.80
C ALA A 191 16.71 4.90 13.00
N LEU A 192 17.21 3.90 12.31
CA LEU A 192 18.65 3.69 12.04
C LEU A 192 18.82 3.18 10.62
N ILE A 193 19.60 3.87 9.81
CA ILE A 193 19.99 3.38 8.46
C ILE A 193 21.51 3.50 8.41
N ALA A 194 22.22 2.47 8.06
CA ALA A 194 23.71 2.47 8.19
C ALA A 194 24.32 1.59 7.13
N GLY A 195 25.35 2.10 6.51
CA GLY A 195 26.11 1.33 5.50
C GLY A 195 26.73 2.31 4.53
N PRO A 196 27.43 1.85 3.49
CA PRO A 196 28.09 2.73 2.54
C PRO A 196 27.15 3.19 1.44
N TYR A 197 26.01 3.73 1.88
CA TYR A 197 25.00 4.29 1.00
C TYR A 197 25.59 5.47 0.22
N ALA A 198 25.24 5.61 -1.03
CA ALA A 198 25.47 6.83 -1.82
C ALA A 198 24.50 7.89 -1.34
N ALA A 199 24.93 9.14 -1.38
CA ALA A 199 24.15 10.27 -0.84
C ALA A 199 24.00 11.36 -1.90
N TRP A 200 22.90 12.09 -1.84
CA TRP A 200 22.66 13.35 -2.57
C TRP A 200 22.10 14.34 -1.58
N THR A 201 22.45 15.62 -1.70
CA THR A 201 21.99 16.64 -0.76
C THR A 201 21.40 17.83 -1.51
N ASP A 202 20.49 18.48 -0.83
CA ASP A 202 19.82 19.70 -1.30
C ASP A 202 19.24 20.36 -0.03
N THR A 203 18.57 21.49 -0.20
N THR A 203 18.53 21.46 -0.21
CA THR A 203 17.94 22.24 0.92
CA THR A 203 17.94 22.23 0.90
C THR A 203 16.62 22.80 0.45
C THR A 203 16.61 22.79 0.44
N TYR A 204 15.59 22.68 1.28
CA TYR A 204 14.33 23.41 1.10
C TYR A 204 14.37 24.69 1.94
N ILE A 205 14.02 25.81 1.33
CA ILE A 205 14.08 27.11 2.05
C ILE A 205 12.78 27.84 1.81
N ASP A 206 12.15 28.31 2.88
CA ASP A 206 11.01 29.24 2.82
C ASP A 206 11.12 30.21 3.99
N ASP A 207 10.07 30.99 4.24
CA ASP A 207 10.12 32.00 5.34
C ASP A 207 10.25 31.33 6.71
N HIS A 208 9.92 30.06 6.85
CA HIS A 208 9.99 29.37 8.16
C HIS A 208 11.43 28.98 8.48
N GLY A 209 12.29 28.89 7.46
CA GLY A 209 13.67 28.47 7.65
C GLY A 209 14.06 27.42 6.62
N GLU A 210 15.17 26.76 6.93
CA GLU A 210 15.82 25.81 6.00
C GLU A 210 15.59 24.39 6.50
N ILE A 211 15.25 23.49 5.58
CA ILE A 211 15.23 22.03 5.86
C ILE A 211 16.29 21.37 5.01
N PRO A 212 17.41 20.92 5.59
CA PRO A 212 18.41 20.14 4.85
C PRO A 212 17.75 18.86 4.34
N LEU A 213 17.95 18.55 3.07
CA LEU A 213 17.37 17.35 2.41
C LEU A 213 18.48 16.40 2.03
N GLY A 214 18.30 15.12 2.23
CA GLY A 214 19.20 14.06 1.81
C GLY A 214 18.45 12.95 1.11
N ILE A 215 19.08 12.32 0.13
CA ILE A 215 18.57 11.10 -0.53
C ILE A 215 19.68 10.09 -0.51
N TYR A 216 19.35 8.84 -0.20
CA TYR A 216 20.35 7.76 -0.05
C TYR A 216 19.89 6.50 -0.76
N CYS A 217 20.84 5.77 -1.33
CA CYS A 217 20.56 4.42 -1.86
C CYS A 217 21.85 3.60 -1.83
N ARG A 218 21.75 2.31 -2.09
CA ARG A 218 22.94 1.48 -2.12
C ARG A 218 23.90 1.97 -3.18
N ALA A 219 25.20 1.82 -2.90
CA ALA A 219 26.25 2.25 -3.87
C ALA A 219 26.01 1.65 -5.26
N SER A 220 25.63 0.38 -5.33
CA SER A 220 25.49 -0.32 -6.62
C SER A 220 24.27 0.17 -7.39
N LEU A 221 23.40 0.98 -6.82
CA LEU A 221 22.24 1.53 -7.56
C LEU A 221 22.44 3.01 -7.85
N ALA A 222 23.55 3.61 -7.48
CA ALA A 222 23.69 5.09 -7.57
C ALA A 222 23.53 5.56 -9.00
N GLU A 223 24.02 4.81 -9.96
CA GLU A 223 23.96 5.28 -11.36
C GLU A 223 22.52 5.48 -11.84
N TYR A 224 21.54 4.88 -11.16
CA TYR A 224 20.14 4.90 -11.59
C TYR A 224 19.36 5.98 -10.87
N MET A 225 19.94 6.62 -9.88
CA MET A 225 19.20 7.63 -9.08
C MET A 225 18.93 8.88 -9.90
N ASP A 226 17.72 9.42 -9.77
CA ASP A 226 17.24 10.69 -10.35
C ASP A 226 16.93 11.64 -9.21
N ALA A 227 17.98 12.06 -8.48
CA ALA A 227 17.75 12.82 -7.26
C ALA A 227 17.15 14.19 -7.54
N GLU A 228 17.48 14.85 -8.64
CA GLU A 228 16.89 16.18 -8.90
C GLU A 228 15.35 16.13 -8.95
N ARG A 229 14.82 15.14 -9.64
CA ARG A 229 13.36 14.96 -9.77
C ARG A 229 12.74 14.69 -8.39
N LEU A 230 13.36 13.84 -7.60
CA LEU A 230 12.85 13.60 -6.23
C LEU A 230 12.93 14.83 -5.36
N PHE A 231 14.02 15.60 -5.44
CA PHE A 231 14.15 16.84 -4.67
C PHE A 231 13.09 17.86 -5.11
N THR A 232 12.83 17.98 -6.38
CA THR A 232 11.79 18.88 -6.87
C THR A 232 10.47 18.51 -6.22
N GLN A 233 10.10 17.22 -6.23
CA GLN A 233 8.81 16.78 -5.67
C GLN A 233 8.81 17.05 -4.18
N THR A 234 9.91 16.81 -3.49
CA THR A 234 10.04 17.04 -2.04
C THR A 234 9.79 18.49 -1.69
N LYS A 235 10.44 19.37 -2.44
CA LYS A 235 10.29 20.81 -2.17
C LYS A 235 8.85 21.25 -2.49
N GLN A 236 8.22 20.74 -3.55
CA GLN A 236 6.80 21.03 -3.86
C GLN A 236 5.94 20.62 -2.68
N GLY A 237 6.20 19.46 -2.10
CA GLY A 237 5.47 19.00 -0.91
C GLY A 237 5.63 19.92 0.26
N PHE A 238 6.86 20.29 0.63
CA PHE A 238 7.02 21.18 1.79
C PHE A 238 6.29 22.50 1.54
N GLY A 239 6.39 23.02 0.33
CA GLY A 239 5.69 24.31 0.04
C GLY A 239 4.21 24.18 0.27
N PHE A 240 3.59 23.08 -0.16
CA PHE A 240 2.14 22.90 -0.02
C PHE A 240 1.79 22.72 1.45
N TYR A 241 2.46 21.83 2.16
CA TYR A 241 2.10 21.55 3.56
C TYR A 241 2.32 22.81 4.40
N HIS A 242 3.40 23.54 4.17
CA HIS A 242 3.61 24.78 4.95
C HIS A 242 2.54 25.81 4.62
N LYS A 243 2.06 25.89 3.40
CA LYS A 243 1.00 26.86 3.01
C LYS A 243 -0.30 26.57 3.75
N HIS A 244 -0.59 25.31 4.06
CA HIS A 244 -1.94 24.92 4.52
C HIS A 244 -1.98 24.44 5.96
N PHE A 245 -0.91 23.92 6.55
CA PHE A 245 -1.01 23.17 7.84
C PHE A 245 -0.59 23.99 9.06
N GLY A 246 -0.18 25.25 8.84
CA GLY A 246 0.08 26.16 9.98
C GLY A 246 1.45 25.92 10.56
N LEU A 247 1.62 24.87 11.36
CA LEU A 247 2.93 24.56 11.95
C LEU A 247 3.87 24.02 10.89
N PRO A 248 5.09 24.56 10.76
CA PRO A 248 6.03 24.02 9.78
C PRO A 248 6.58 22.68 10.28
N TYR A 249 7.22 21.98 9.37
CA TYR A 249 7.86 20.68 9.68
C TYR A 249 8.68 20.78 10.97
N ALA A 250 8.48 19.85 11.89
CA ALA A 250 8.93 19.94 13.28
C ALA A 250 10.14 19.05 13.58
N PHE A 251 10.68 18.28 12.62
CA PHE A 251 11.65 17.20 12.95
C PHE A 251 13.04 17.45 12.39
N GLY A 252 13.36 18.67 12.01
CA GLY A 252 14.77 19.07 11.76
C GLY A 252 15.14 18.92 10.31
N LYS A 253 15.95 17.91 10.01
CA LYS A 253 16.35 17.63 8.62
C LYS A 253 15.41 16.58 8.03
N TYR A 254 15.52 16.33 6.73
CA TYR A 254 14.60 15.39 6.04
C TYR A 254 15.39 14.51 5.10
N ASP A 255 15.68 13.29 5.53
CA ASP A 255 16.39 12.31 4.71
C ASP A 255 15.38 11.28 4.18
N GLN A 256 15.60 10.87 2.96
CA GLN A 256 14.78 9.87 2.23
C GLN A 256 15.73 8.78 1.74
N LEU A 257 15.52 7.54 2.18
CA LEU A 257 16.51 6.46 2.03
C LEU A 257 15.86 5.27 1.36
N PHE A 258 16.36 4.92 0.20
CA PHE A 258 15.90 3.75 -0.55
C PHE A 258 16.70 2.55 -0.06
N VAL A 259 16.03 1.57 0.51
CA VAL A 259 16.74 0.50 1.27
C VAL A 259 16.40 -0.88 0.70
N PRO A 260 17.33 -1.82 0.85
CA PRO A 260 17.09 -3.17 0.27
C PRO A 260 16.04 -3.95 1.03
N GLU A 261 15.33 -4.85 0.35
CA GLU A 261 14.46 -5.85 1.00
C GLU A 261 13.50 -5.13 1.95
N PHE A 262 12.80 -4.14 1.44
CA PHE A 262 11.76 -3.43 2.21
C PHE A 262 10.43 -4.12 2.06
N ASN A 263 9.64 -4.26 3.10
CA ASN A 263 8.36 -5.00 3.03
C ASN A 263 7.23 -4.16 2.46
N ALA A 264 7.19 -2.86 2.69
CA ALA A 264 6.07 -2.00 2.27
C ALA A 264 6.47 -1.09 1.10
N GLY A 265 5.82 0.04 0.91
CA GLY A 265 6.29 0.99 -0.09
C GLY A 265 7.22 2.04 0.52
N ALA A 266 6.91 2.52 1.73
CA ALA A 266 7.74 3.53 2.42
C ALA A 266 7.31 3.53 3.88
N MET A 267 8.08 4.17 4.73
CA MET A 267 7.77 4.31 6.14
C MET A 267 8.21 5.67 6.65
N GLU A 268 7.35 6.33 7.39
CA GLU A 268 7.50 7.75 7.76
C GLU A 268 8.35 7.94 9.00
N ASN A 269 9.44 7.25 9.19
CA ASN A 269 10.32 7.53 10.36
C ASN A 269 10.67 9.01 10.35
N ALA A 270 10.52 9.69 11.47
CA ALA A 270 10.67 11.17 11.52
C ALA A 270 12.06 11.60 11.04
N GLY A 271 12.13 12.41 9.99
CA GLY A 271 13.46 12.86 9.50
C GLY A 271 14.22 11.81 8.73
N ALA A 272 13.72 10.60 8.58
CA ALA A 272 14.49 9.47 8.03
C ALA A 272 13.54 8.47 7.38
N VAL A 273 12.92 8.94 6.31
CA VAL A 273 11.85 8.18 5.63
C VAL A 273 12.50 7.12 4.77
N THR A 274 12.09 5.87 4.92
CA THR A 274 12.62 4.73 4.15
C THR A 274 11.65 4.40 3.01
N PHE A 275 12.20 3.87 1.93
CA PHE A 275 11.48 3.54 0.70
C PHE A 275 11.91 2.20 0.14
N LEU A 276 10.95 1.52 -0.47
CA LEU A 276 11.19 0.38 -1.37
C LEU A 276 12.18 0.80 -2.43
N GLU A 277 13.23 -0.02 -2.62
CA GLU A 277 14.31 0.48 -3.53
C GLU A 277 13.89 0.19 -4.98
N ASP A 278 12.78 -0.47 -5.27
CA ASP A 278 12.15 -0.59 -6.62
C ASP A 278 11.87 0.83 -7.16
N TYR A 279 11.76 1.83 -6.30
CA TYR A 279 11.51 3.23 -6.72
C TYR A 279 12.78 3.92 -7.23
N VAL A 280 13.94 3.26 -7.14
CA VAL A 280 15.15 3.69 -7.87
C VAL A 280 15.09 2.92 -9.17
N PHE A 281 14.68 3.56 -10.25
CA PHE A 281 14.32 2.82 -11.48
C PHE A 281 15.59 2.51 -12.28
N ARG A 282 15.92 1.23 -12.36
CA ARG A 282 17.08 0.70 -13.11
C ARG A 282 16.78 0.65 -14.60
N SER A 283 15.51 0.60 -14.96
CA SER A 283 15.06 0.44 -16.34
C SER A 283 14.00 1.49 -16.63
N LYS A 284 13.58 1.59 -17.86
CA LYS A 284 12.48 2.48 -18.27
C LYS A 284 11.21 2.05 -17.57
N VAL A 285 10.53 3.03 -16.98
CA VAL A 285 9.19 2.90 -16.39
C VAL A 285 8.32 3.97 -16.99
N THR A 286 7.01 3.76 -16.93
CA THR A 286 6.05 4.75 -17.41
C THR A 286 5.83 5.88 -16.41
N ARG A 287 5.13 6.90 -16.85
CA ARG A 287 4.72 8.00 -15.95
C ARG A 287 3.94 7.42 -14.78
N ALA A 288 3.22 6.32 -14.89
CA ALA A 288 2.46 5.71 -13.76
C ALA A 288 3.41 5.51 -12.59
N SER A 289 4.60 5.01 -12.86
CA SER A 289 5.58 4.71 -11.78
C SER A 289 6.10 6.00 -11.19
N TYR A 290 6.41 7.01 -11.99
CA TYR A 290 6.86 8.29 -11.43
C TYR A 290 5.75 8.89 -10.59
N GLU A 291 4.51 8.81 -11.06
CA GLU A 291 3.38 9.42 -10.33
C GLU A 291 3.16 8.69 -9.00
N ARG A 292 3.22 7.36 -9.00
N ARG A 292 3.22 7.37 -9.00
CA ARG A 292 3.03 6.58 -7.75
CA ARG A 292 3.04 6.60 -7.74
C ARG A 292 4.18 6.87 -6.78
C ARG A 292 4.18 6.87 -6.77
N ARG A 293 5.40 6.94 -7.27
CA ARG A 293 6.53 7.33 -6.39
C ARG A 293 6.35 8.73 -5.82
N ALA A 294 5.91 9.69 -6.60
CA ALA A 294 5.66 11.05 -6.08
C ALA A 294 4.57 11.00 -5.04
N GLU A 295 3.51 10.25 -5.27
CA GLU A 295 2.42 10.13 -4.26
C GLU A 295 3.06 9.59 -2.97
N THR A 296 3.91 8.58 -3.06
CA THR A 296 4.55 7.95 -1.86
C THR A 296 5.39 9.01 -1.15
N VAL A 297 6.25 9.72 -1.88
CA VAL A 297 7.04 10.82 -1.26
C VAL A 297 6.11 11.73 -0.49
N LEU A 298 5.02 12.14 -1.12
CA LEU A 298 4.15 13.16 -0.48
C LEU A 298 3.32 12.55 0.66
N HIS A 299 3.00 11.28 0.60
CA HIS A 299 2.30 10.54 1.68
C HIS A 299 3.16 10.50 2.94
N GLU A 300 4.40 10.06 2.78
CA GLU A 300 5.32 10.03 3.93
C GLU A 300 5.51 11.42 4.51
N MET A 301 5.61 12.41 3.65
CA MET A 301 5.79 13.79 4.14
C MET A 301 4.54 14.21 4.91
N ALA A 302 3.35 13.88 4.42
CA ALA A 302 2.11 14.25 5.15
C ALA A 302 2.12 13.67 6.56
N HIS A 303 2.64 12.47 6.71
CA HIS A 303 2.77 11.83 8.02
C HIS A 303 3.64 12.62 8.97
N MET A 304 4.48 13.55 8.50
CA MET A 304 5.26 14.36 9.47
C MET A 304 4.27 15.15 10.34
N TRP A 305 3.08 15.41 9.85
CA TRP A 305 1.96 15.98 10.62
C TRP A 305 1.07 14.85 11.12
N PHE A 306 0.55 14.07 10.18
CA PHE A 306 -0.44 13.01 10.52
C PHE A 306 0.27 11.72 10.93
N GLY A 307 0.79 11.68 12.13
CA GLY A 307 1.38 10.46 12.70
C GLY A 307 2.61 10.82 13.47
N ASP A 308 3.42 11.75 13.01
CA ASP A 308 4.72 12.00 13.70
C ASP A 308 4.54 13.19 14.67
N LEU A 309 4.04 14.33 14.21
CA LEU A 309 3.75 15.45 15.13
C LEU A 309 2.59 15.06 16.06
N VAL A 310 1.48 14.60 15.50
CA VAL A 310 0.30 14.14 16.25
C VAL A 310 0.16 12.66 15.92
N THR A 311 -0.03 11.84 16.94
CA THR A 311 -0.08 10.40 16.76
C THR A 311 -1.37 9.88 17.39
N MET A 312 -1.96 8.83 16.83
CA MET A 312 -3.14 8.21 17.46
C MET A 312 -2.76 7.67 18.82
N THR A 313 -3.69 7.75 19.78
CA THR A 313 -3.46 7.18 21.10
C THR A 313 -3.21 5.68 21.02
N TRP A 314 -4.06 5.01 20.25
CA TRP A 314 -4.03 3.54 20.11
C TRP A 314 -4.39 3.21 18.66
N TRP A 315 -4.03 2.01 18.24
CA TRP A 315 -4.10 1.56 16.84
C TRP A 315 -5.55 1.53 16.31
N ASP A 316 -6.60 1.58 17.14
N ASP A 316 -6.58 1.53 17.20
CA ASP A 316 -7.97 1.68 16.60
CA ASP A 316 -8.00 1.78 16.85
C ASP A 316 -8.10 2.99 15.81
C ASP A 316 -8.04 2.93 15.84
N ASP A 317 -7.26 3.98 16.10
CA ASP A 317 -7.30 5.26 15.36
C ASP A 317 -6.12 5.41 14.40
N LEU A 318 -5.61 4.30 13.86
CA LEU A 318 -4.63 4.34 12.77
C LEU A 318 -5.10 5.15 11.58
N TRP A 319 -6.41 5.22 11.33
CA TRP A 319 -6.91 6.05 10.22
C TRP A 319 -6.50 7.52 10.40
N LEU A 320 -6.32 8.01 11.62
CA LEU A 320 -5.86 9.41 11.83
C LEU A 320 -4.52 9.64 11.14
N ASN A 321 -3.68 8.59 11.11
CA ASN A 321 -2.42 8.66 10.33
C ASN A 321 -2.70 8.43 8.86
N GLU A 322 -3.34 7.31 8.53
CA GLU A 322 -3.26 6.79 7.15
C GLU A 322 -4.37 7.36 6.25
N SER A 323 -5.56 7.63 6.75
CA SER A 323 -6.61 8.19 5.87
C SER A 323 -6.18 9.62 5.50
N PHE A 324 -5.70 10.35 6.51
CA PHE A 324 -5.31 11.77 6.30
C PHE A 324 -4.05 11.81 5.46
N ALA A 325 -3.06 10.96 5.68
CA ALA A 325 -1.82 11.02 4.85
C ALA A 325 -2.16 10.74 3.40
N THR A 326 -3.04 9.77 3.14
CA THR A 326 -3.47 9.41 1.79
C THR A 326 -4.20 10.59 1.15
N PHE A 327 -5.20 11.13 1.83
CA PHE A 327 -5.97 12.26 1.28
C PHE A 327 -5.04 13.44 0.99
N ALA A 328 -4.24 13.82 1.96
CA ALA A 328 -3.40 15.03 1.86
C ALA A 328 -2.41 14.85 0.74
N SER A 329 -1.88 13.66 0.55
CA SER A 329 -0.82 13.43 -0.46
C SER A 329 -1.43 13.61 -1.84
N VAL A 330 -2.65 13.12 -2.08
CA VAL A 330 -3.24 13.22 -3.42
C VAL A 330 -3.63 14.67 -3.67
N LEU A 331 -4.20 15.35 -2.68
CA LEU A 331 -4.47 16.79 -2.78
C LEU A 331 -3.19 17.55 -3.14
N CYS A 332 -2.12 17.28 -2.40
CA CYS A 332 -0.84 17.95 -2.65
C CYS A 332 -0.36 17.62 -4.06
N GLN A 333 -0.43 16.37 -4.49
CA GLN A 333 0.04 15.96 -5.81
C GLN A 333 -0.71 16.75 -6.87
N SER A 334 -2.03 16.80 -6.74
N SER A 334 -2.03 16.83 -6.73
CA SER A 334 -2.91 17.45 -7.74
CA SER A 334 -2.92 17.43 -7.77
C SER A 334 -2.52 18.92 -7.88
C SER A 334 -2.69 18.94 -7.87
N GLU A 335 -2.27 19.59 -6.76
N GLU A 335 -2.35 19.61 -6.77
CA GLU A 335 -2.25 21.07 -6.73
CA GLU A 335 -2.21 21.09 -6.71
C GLU A 335 -0.81 21.60 -6.77
C GLU A 335 -0.75 21.49 -7.02
N ALA A 336 0.20 20.81 -6.44
CA ALA A 336 1.59 21.33 -6.25
C ALA A 336 2.60 20.65 -7.17
N THR A 337 2.23 19.63 -7.91
CA THR A 337 3.18 18.86 -8.73
C THR A 337 2.73 18.82 -10.18
N GLU A 338 3.54 18.17 -11.01
CA GLU A 338 3.18 17.96 -12.43
C GLU A 338 2.08 16.91 -12.56
N PHE A 339 1.72 16.17 -11.51
CA PHE A 339 0.73 15.09 -11.64
C PHE A 339 -0.67 15.68 -11.36
N THR A 340 -1.12 16.49 -12.29
CA THR A 340 -2.39 17.26 -12.15
C THR A 340 -3.62 16.37 -12.34
N GLU A 341 -3.46 15.16 -12.81
CA GLU A 341 -4.58 14.20 -12.93
C GLU A 341 -4.59 13.22 -11.75
N ALA A 342 -3.94 13.53 -10.66
CA ALA A 342 -3.85 12.61 -9.50
C ALA A 342 -5.25 12.18 -9.03
N TRP A 343 -6.28 13.01 -9.08
CA TRP A 343 -7.61 12.55 -8.61
C TRP A 343 -8.20 11.51 -9.56
N THR A 344 -7.83 11.52 -10.83
CA THR A 344 -8.24 10.52 -11.80
C THR A 344 -7.58 9.21 -11.41
N THR A 345 -6.28 9.23 -11.18
CA THR A 345 -5.56 8.02 -10.78
C THR A 345 -6.19 7.47 -9.49
N PHE A 346 -6.52 8.35 -8.53
CA PHE A 346 -7.10 7.92 -7.23
C PHE A 346 -8.42 7.18 -7.48
N ALA A 347 -9.28 7.73 -8.35
CA ALA A 347 -10.62 7.14 -8.58
C ALA A 347 -10.48 5.76 -9.23
N THR A 348 -9.49 5.51 -10.08
CA THR A 348 -9.32 4.21 -10.76
C THR A 348 -8.54 3.26 -9.85
N VAL A 349 -7.46 3.69 -9.24
CA VAL A 349 -6.49 2.75 -8.60
C VAL A 349 -6.88 2.61 -7.13
N GLU A 350 -6.88 3.67 -6.37
CA GLU A 350 -7.08 3.55 -4.91
C GLU A 350 -8.55 3.33 -4.56
N LYS A 351 -9.50 3.98 -5.21
CA LYS A 351 -10.93 3.73 -4.85
C LYS A 351 -11.28 2.27 -5.16
N SER A 352 -10.72 1.68 -6.21
CA SER A 352 -11.02 0.25 -6.50
C SER A 352 -10.57 -0.62 -5.32
N TRP A 353 -9.46 -0.32 -4.71
CA TRP A 353 -8.96 -1.02 -3.50
C TRP A 353 -9.93 -0.80 -2.37
N ALA A 354 -10.43 0.42 -2.15
CA ALA A 354 -11.41 0.70 -1.11
C ALA A 354 -12.64 -0.19 -1.31
N TYR A 355 -13.19 -0.21 -2.52
CA TYR A 355 -14.43 -0.99 -2.77
C TYR A 355 -14.17 -2.45 -2.46
N ARG A 356 -13.08 -2.98 -2.93
CA ARG A 356 -12.79 -4.44 -2.74
C ARG A 356 -12.74 -4.69 -1.24
N GLN A 357 -12.05 -3.84 -0.47
CA GLN A 357 -11.86 -4.07 0.98
C GLN A 357 -13.21 -3.94 1.66
N ASP A 358 -13.99 -2.96 1.29
CA ASP A 358 -15.27 -2.69 1.99
C ASP A 358 -16.27 -3.79 1.72
N GLN A 359 -16.10 -4.53 0.63
CA GLN A 359 -17.08 -5.57 0.28
C GLN A 359 -16.66 -6.93 0.84
N LEU A 360 -15.48 -7.06 1.40
CA LEU A 360 -15.07 -8.37 1.98
C LEU A 360 -15.81 -8.63 3.27
N PRO A 361 -15.94 -9.89 3.73
CA PRO A 361 -16.64 -10.18 4.97
C PRO A 361 -15.97 -9.65 6.24
N SER A 362 -14.71 -9.25 6.12
CA SER A 362 -13.91 -8.58 7.17
C SER A 362 -14.09 -7.06 7.15
N THR A 363 -15.01 -6.55 6.37
CA THR A 363 -15.21 -5.08 6.32
C THR A 363 -15.40 -4.53 7.73
N HIS A 364 -14.83 -3.35 7.95
CA HIS A 364 -14.79 -2.69 9.26
C HIS A 364 -14.86 -1.19 9.03
N PRO A 365 -15.33 -0.42 10.02
CA PRO A 365 -15.34 1.02 9.83
C PRO A 365 -13.91 1.57 9.69
N ILE A 366 -13.85 2.79 9.18
CA ILE A 366 -12.58 3.57 9.13
C ILE A 366 -12.03 3.66 10.55
N ALA A 367 -12.88 4.11 11.49
CA ALA A 367 -12.53 4.11 12.92
C ALA A 367 -12.82 2.74 13.46
N ALA A 368 -11.78 1.94 13.53
CA ALA A 368 -11.87 0.51 13.75
C ALA A 368 -11.79 0.15 15.22
N ASP A 369 -12.19 -1.08 15.47
CA ASP A 369 -12.05 -1.73 16.80
C ASP A 369 -10.88 -2.67 16.70
N ILE A 370 -9.80 -2.32 17.40
CA ILE A 370 -8.53 -3.04 17.34
C ILE A 370 -8.14 -3.49 18.73
N PRO A 371 -8.47 -4.73 19.11
CA PRO A 371 -8.25 -5.14 20.48
C PRO A 371 -6.82 -5.43 20.84
N ASP A 372 -5.95 -5.67 19.86
CA ASP A 372 -4.57 -6.11 20.11
C ASP A 372 -3.72 -5.80 18.87
N LEU A 373 -2.44 -6.05 19.00
CA LEU A 373 -1.52 -5.86 17.86
C LEU A 373 -1.90 -6.80 16.75
N ALA A 374 -2.35 -8.02 17.06
CA ALA A 374 -2.67 -8.95 15.96
C ALA A 374 -3.69 -8.32 15.03
N ALA A 375 -4.68 -7.63 15.55
CA ALA A 375 -5.74 -7.05 14.75
C ALA A 375 -5.17 -5.91 13.89
N VAL A 376 -4.26 -5.10 14.40
CA VAL A 376 -3.77 -3.95 13.58
C VAL A 376 -2.82 -4.46 12.49
N GLU A 377 -2.15 -5.56 12.70
CA GLU A 377 -1.16 -6.03 11.70
C GLU A 377 -1.81 -6.52 10.41
N VAL A 378 -3.12 -6.72 10.39
CA VAL A 378 -3.88 -7.00 9.15
C VAL A 378 -4.79 -5.83 8.80
N ASN A 379 -4.62 -4.66 9.43
CA ASN A 379 -5.55 -3.55 9.20
C ASN A 379 -4.93 -2.37 8.43
N PHE A 380 -3.76 -2.55 7.84
CA PHE A 380 -3.14 -1.51 6.97
C PHE A 380 -3.70 -1.72 5.57
N ASP A 381 -4.99 -1.47 5.41
CA ASP A 381 -5.76 -2.06 4.32
C ASP A 381 -6.53 -1.01 3.52
N GLY A 382 -7.36 -1.41 2.59
CA GLY A 382 -7.99 -0.49 1.68
C GLY A 382 -9.05 0.37 2.31
N ILE A 383 -9.46 0.08 3.51
CA ILE A 383 -10.39 0.94 4.28
C ILE A 383 -9.55 1.98 5.03
N THR A 384 -8.59 1.54 5.82
CA THR A 384 -7.74 2.43 6.62
C THR A 384 -7.09 3.47 5.71
N TYR A 385 -6.64 3.08 4.54
CA TYR A 385 -6.00 4.00 3.54
C TYR A 385 -7.06 4.62 2.62
N ALA A 386 -7.57 3.89 1.68
CA ALA A 386 -8.27 4.45 0.51
C ALA A 386 -9.71 4.84 0.84
N LYS A 387 -10.48 4.00 1.55
CA LYS A 387 -11.84 4.42 1.89
C LYS A 387 -11.74 5.65 2.77
N GLY A 388 -10.90 5.61 3.78
CA GLY A 388 -10.77 6.78 4.64
C GLY A 388 -10.43 8.03 3.86
N ALA A 389 -9.49 7.95 2.93
CA ALA A 389 -9.14 9.14 2.13
C ALA A 389 -10.34 9.59 1.30
N SER A 390 -11.08 8.66 0.72
CA SER A 390 -12.27 8.97 -0.09
C SER A 390 -13.32 9.68 0.76
N VAL A 391 -13.52 9.21 1.98
CA VAL A 391 -14.52 9.79 2.90
C VAL A 391 -14.02 11.18 3.34
N LEU A 392 -12.71 11.36 3.53
CA LEU A 392 -12.21 12.72 3.85
C LEU A 392 -12.39 13.64 2.66
N LYS A 393 -12.17 13.20 1.45
CA LYS A 393 -12.43 14.01 0.25
C LYS A 393 -13.89 14.46 0.28
N GLN A 394 -14.77 13.55 0.69
CA GLN A 394 -16.22 13.88 0.76
C GLN A 394 -16.45 14.84 1.92
N LEU A 395 -15.78 14.69 3.07
CA LEU A 395 -15.93 15.69 4.16
C LEU A 395 -15.52 17.08 3.64
N VAL A 396 -14.45 17.16 2.85
CA VAL A 396 -14.04 18.47 2.28
C VAL A 396 -15.15 19.02 1.41
N ALA A 397 -15.82 18.22 0.62
CA ALA A 397 -16.99 18.66 -0.17
C ALA A 397 -18.07 19.14 0.82
N TYR A 398 -18.31 18.40 1.89
CA TYR A 398 -19.44 18.66 2.83
C TYR A 398 -19.21 19.95 3.62
N VAL A 399 -18.02 20.23 4.12
CA VAL A 399 -17.84 21.44 4.97
C VAL A 399 -17.04 22.51 4.24
N GLY A 400 -16.40 22.18 3.15
CA GLY A 400 -15.50 23.06 2.38
C GLY A 400 -14.04 22.92 2.84
N LEU A 401 -13.13 23.13 1.92
CA LEU A 401 -11.70 22.94 2.20
C LEU A 401 -11.22 23.92 3.28
N GLU A 402 -11.76 25.14 3.29
CA GLU A 402 -11.27 26.15 4.24
C GLU A 402 -11.52 25.74 5.67
N ARG A 403 -12.75 25.36 6.01
CA ARG A 403 -13.09 24.96 7.38
C ARG A 403 -12.34 23.66 7.71
N PHE A 404 -12.26 22.75 6.75
CA PHE A 404 -11.51 21.48 7.00
C PHE A 404 -10.06 21.80 7.42
N LEU A 405 -9.39 22.61 6.62
CA LEU A 405 -7.96 22.94 6.91
C LEU A 405 -7.86 23.74 8.20
N ALA A 406 -8.78 24.65 8.45
CA ALA A 406 -8.73 25.42 9.69
C ALA A 406 -8.84 24.49 10.88
N GLY A 407 -9.71 23.47 10.79
CA GLY A 407 -9.88 22.50 11.87
C GLY A 407 -8.58 21.71 12.06
N LEU A 408 -7.97 21.26 10.97
CA LEU A 408 -6.68 20.55 11.12
C LEU A 408 -5.61 21.44 11.74
N ARG A 409 -5.54 22.71 11.36
CA ARG A 409 -4.50 23.57 11.97
C ARG A 409 -4.70 23.68 13.48
N ASP A 410 -5.95 23.76 13.94
CA ASP A 410 -6.26 23.76 15.38
C ASP A 410 -5.86 22.43 16.01
N TYR A 411 -6.22 21.31 15.38
CA TYR A 411 -5.89 19.96 15.84
C TYR A 411 -4.36 19.84 16.01
N PHE A 412 -3.58 20.27 15.03
CA PHE A 412 -2.10 20.18 15.14
C PHE A 412 -1.59 21.01 16.31
N ARG A 413 -2.10 22.22 16.46
CA ARG A 413 -1.61 23.10 17.55
C ARG A 413 -2.00 22.48 18.90
N THR A 414 -3.20 21.92 19.05
CA THR A 414 -3.72 21.36 20.30
C THR A 414 -2.91 20.10 20.69
N HIS A 415 -2.52 19.26 19.72
CA HIS A 415 -2.00 17.90 20.05
C HIS A 415 -0.55 17.76 19.63
N ALA A 416 0.11 18.86 19.29
CA ALA A 416 1.52 18.84 18.85
C ALA A 416 2.37 18.05 19.85
N PHE A 417 3.15 17.11 19.36
CA PHE A 417 4.08 16.26 20.14
C PHE A 417 3.28 15.43 21.14
N GLY A 418 2.03 15.14 20.82
CA GLY A 418 1.12 14.41 21.67
C GLY A 418 0.27 13.42 20.90
N ASN A 419 -0.77 12.96 21.55
CA ASN A 419 -1.63 11.89 21.02
C ASN A 419 -3.06 12.38 20.93
N ALA A 420 -3.77 11.85 19.98
CA ALA A 420 -5.17 12.19 19.65
C ALA A 420 -5.94 10.91 19.36
N SER A 421 -7.23 10.97 19.67
N SER A 421 -7.25 11.07 19.52
CA SER A 421 -8.25 9.93 19.38
CA SER A 421 -8.27 10.02 19.34
C SER A 421 -9.30 10.50 18.44
C SER A 421 -9.33 10.54 18.39
N PHE A 422 -10.17 9.63 17.93
CA PHE A 422 -11.36 9.99 17.14
C PHE A 422 -12.05 11.25 17.68
N ASP A 423 -12.34 11.27 18.97
CA ASP A 423 -13.15 12.38 19.55
C ASP A 423 -12.39 13.71 19.42
N ASP A 424 -11.07 13.67 19.51
CA ASP A 424 -10.27 14.90 19.38
C ASP A 424 -10.32 15.47 17.96
N LEU A 425 -10.20 14.59 16.96
CA LEU A 425 -10.26 15.06 15.57
C LEU A 425 -11.65 15.64 15.29
N LEU A 426 -12.71 14.93 15.68
N LEU A 426 -12.71 14.92 15.69
CA LEU A 426 -14.08 15.40 15.37
CA LEU A 426 -14.09 15.37 15.44
C LEU A 426 -14.32 16.72 16.11
C LEU A 426 -14.30 16.72 16.11
N ALA A 427 -13.83 16.88 17.35
CA ALA A 427 -14.01 18.13 18.11
C ALA A 427 -13.38 19.27 17.31
N ALA A 428 -12.17 19.11 16.79
CA ALA A 428 -11.50 20.18 16.06
C ALA A 428 -12.31 20.51 14.80
N LEU A 429 -12.73 19.52 14.02
CA LEU A 429 -13.43 19.81 12.74
C LEU A 429 -14.82 20.43 13.04
N GLU A 430 -15.46 20.04 14.13
CA GLU A 430 -16.76 20.66 14.54
C GLU A 430 -16.62 22.12 14.88
N LYS A 431 -15.62 22.45 15.69
CA LYS A 431 -15.36 23.84 16.05
C LYS A 431 -15.19 24.64 14.76
N ALA A 432 -14.31 24.20 13.84
CA ALA A 432 -13.97 24.97 12.64
C ALA A 432 -15.16 25.09 11.69
N SER A 433 -16.00 24.07 11.60
CA SER A 433 -17.15 24.01 10.65
C SER A 433 -18.37 24.75 11.22
N GLY A 434 -18.32 25.11 12.48
CA GLY A 434 -19.44 25.76 13.21
C GLY A 434 -20.72 24.92 13.21
N ARG A 435 -20.63 23.59 13.15
CA ARG A 435 -21.83 22.74 13.17
C ARG A 435 -21.50 21.43 13.87
N ASP A 436 -22.56 20.69 14.21
CA ASP A 436 -22.48 19.36 14.82
C ASP A 436 -22.11 18.40 13.71
N LEU A 437 -21.04 17.64 13.90
CA LEU A 437 -20.64 16.57 12.94
C LEU A 437 -20.77 15.21 13.62
N SER A 438 -21.38 15.10 14.78
CA SER A 438 -21.49 13.78 15.47
C SER A 438 -22.26 12.78 14.60
N ASN A 439 -23.38 13.19 14.01
N ASN A 439 -23.37 13.18 14.00
CA ASN A 439 -24.18 12.27 13.14
CA ASN A 439 -24.15 12.26 13.12
C ASN A 439 -23.35 11.96 11.89
C ASN A 439 -23.35 11.94 11.88
N TRP A 440 -22.68 12.94 11.30
CA TRP A 440 -21.83 12.72 10.10
C TRP A 440 -20.76 11.69 10.46
N GLY A 441 -20.08 11.84 11.58
CA GLY A 441 -19.02 10.89 11.96
C GLY A 441 -19.59 9.49 12.16
N GLU A 442 -20.73 9.39 12.82
CA GLU A 442 -21.35 8.09 13.09
C GLU A 442 -21.66 7.38 11.78
N GLN A 443 -22.25 8.07 10.81
CA GLN A 443 -22.72 7.39 9.59
C GLN A 443 -21.62 7.20 8.55
N TRP A 444 -20.53 7.93 8.65
CA TRP A 444 -19.42 7.84 7.66
C TRP A 444 -18.19 7.14 8.21
N LEU A 445 -17.79 7.42 9.42
CA LEU A 445 -16.52 6.88 10.00
C LEU A 445 -16.74 5.66 10.86
N LYS A 446 -17.96 5.37 11.32
CA LYS A 446 -18.22 4.25 12.26
C LYS A 446 -19.04 3.15 11.60
N THR A 447 -19.22 3.24 10.29
CA THR A 447 -20.03 2.26 9.52
C THR A 447 -19.19 1.53 8.48
N THR A 448 -19.76 0.47 7.94
CA THR A 448 -19.19 -0.22 6.76
C THR A 448 -20.09 -0.02 5.54
N GLY A 449 -19.53 -0.27 4.37
CA GLY A 449 -20.30 -0.45 3.15
C GLY A 449 -20.43 0.79 2.33
N LEU A 450 -21.05 0.59 1.20
CA LEU A 450 -21.26 1.51 0.09
C LEU A 450 -22.74 1.78 -0.11
N ASN A 451 -23.07 3.03 -0.40
CA ASN A 451 -24.40 3.38 -0.93
C ASN A 451 -24.38 3.40 -2.45
N THR A 452 -25.36 2.76 -3.10
CA THR A 452 -25.47 2.85 -4.56
C THR A 452 -26.24 4.10 -4.97
N LEU A 453 -25.67 4.93 -5.81
CA LEU A 453 -26.29 6.20 -6.29
C LEU A 453 -26.62 6.05 -7.77
N ARG A 454 -27.85 6.44 -8.14
N ARG A 454 -27.82 6.49 -8.15
CA ARG A 454 -28.39 6.24 -9.52
CA ARG A 454 -28.41 6.24 -9.51
C ARG A 454 -29.24 7.46 -9.84
C ARG A 454 -29.25 7.46 -9.85
N PRO A 455 -29.35 7.84 -11.12
CA PRO A 455 -30.39 8.80 -11.54
C PRO A 455 -31.74 8.08 -11.70
N ASP A 456 -32.79 8.80 -11.35
CA ASP A 456 -34.19 8.35 -11.52
C ASP A 456 -34.97 9.53 -12.12
N PHE A 457 -35.52 9.36 -13.32
CA PHE A 457 -36.08 10.54 -14.02
C PHE A 457 -37.10 10.11 -15.07
N GLU A 458 -37.80 11.11 -15.55
CA GLU A 458 -38.64 11.03 -16.76
C GLU A 458 -38.23 12.18 -17.67
N VAL A 459 -38.44 11.97 -18.97
CA VAL A 459 -38.17 13.02 -19.99
C VAL A 459 -39.44 13.20 -20.84
N ASP A 460 -39.56 14.39 -21.40
CA ASP A 460 -40.62 14.73 -22.39
C ASP A 460 -40.14 14.30 -23.77
N ALA A 461 -40.89 14.64 -24.81
CA ALA A 461 -40.63 14.19 -26.20
C ALA A 461 -39.37 14.86 -26.76
N GLU A 462 -38.94 16.01 -26.24
CA GLU A 462 -37.69 16.69 -26.72
C GLU A 462 -36.51 16.28 -25.83
N GLY A 463 -36.65 15.23 -25.01
CA GLY A 463 -35.54 14.66 -24.22
C GLY A 463 -35.15 15.52 -23.04
N ARG A 464 -36.04 16.39 -22.56
CA ARG A 464 -35.81 17.27 -21.39
C ARG A 464 -36.46 16.60 -20.17
N PHE A 465 -35.77 16.68 -19.03
CA PHE A 465 -36.30 16.10 -17.79
C PHE A 465 -37.62 16.83 -17.45
N THR A 466 -38.61 16.02 -17.10
CA THR A 466 -39.84 16.49 -16.41
C THR A 466 -39.72 16.26 -14.89
N ARG A 467 -38.84 15.35 -14.47
CA ARG A 467 -38.58 15.08 -13.03
C ARG A 467 -37.18 14.47 -13.00
N PHE A 468 -36.41 14.75 -11.96
CA PHE A 468 -35.08 14.11 -11.78
C PHE A 468 -34.83 13.94 -10.30
N ALA A 469 -34.40 12.73 -9.92
CA ALA A 469 -33.93 12.51 -8.54
C ALA A 469 -32.63 11.71 -8.58
N VAL A 470 -31.86 11.85 -7.51
CA VAL A 470 -30.77 10.85 -7.20
C VAL A 470 -31.29 9.89 -6.14
N THR A 471 -31.30 8.62 -6.46
CA THR A 471 -31.70 7.57 -5.50
C THR A 471 -30.45 7.02 -4.82
N GLN A 472 -30.61 6.65 -3.56
CA GLN A 472 -29.53 6.18 -2.70
C GLN A 472 -29.97 4.90 -2.01
N SER A 473 -29.23 3.81 -2.24
CA SER A 473 -29.43 2.55 -1.50
C SER A 473 -28.83 2.62 -0.10
N GLY A 474 -29.27 1.77 0.82
CA GLY A 474 -28.63 1.66 2.12
C GLY A 474 -27.23 1.09 1.96
N ALA A 475 -26.42 1.28 2.96
CA ALA A 475 -25.02 0.85 2.95
C ALA A 475 -24.95 -0.67 2.95
N ALA A 476 -24.12 -1.21 2.06
CA ALA A 476 -23.91 -2.68 1.96
C ALA A 476 -22.46 -2.93 1.58
N PRO A 477 -21.82 -3.96 2.13
CA PRO A 477 -22.30 -4.73 3.28
C PRO A 477 -22.22 -3.87 4.52
N GLY A 478 -23.23 -3.94 5.36
CA GLY A 478 -23.26 -3.10 6.55
C GLY A 478 -24.66 -3.01 7.12
N ALA A 479 -24.93 -1.88 7.72
CA ALA A 479 -26.15 -1.63 8.52
C ALA A 479 -27.18 -0.87 7.73
N GLY A 480 -27.06 -0.77 6.42
CA GLY A 480 -28.16 -0.39 5.55
C GLY A 480 -28.58 1.05 5.68
N GLU A 481 -27.76 1.93 6.26
CA GLU A 481 -28.16 3.34 6.41
C GLU A 481 -27.94 4.07 5.09
N THR A 482 -28.73 5.08 4.81
CA THR A 482 -28.43 6.10 3.80
C THR A 482 -27.61 7.18 4.52
N ARG A 483 -26.79 7.87 3.73
CA ARG A 483 -25.89 8.94 4.24
C ARG A 483 -26.19 10.28 3.61
N VAL A 484 -25.62 11.31 4.21
CA VAL A 484 -25.57 12.66 3.60
C VAL A 484 -24.37 12.71 2.64
N HIS A 485 -24.57 13.23 1.44
CA HIS A 485 -23.53 13.44 0.44
C HIS A 485 -23.63 14.86 -0.13
N ARG A 486 -22.52 15.52 -0.33
CA ARG A 486 -22.41 16.67 -1.24
C ARG A 486 -21.88 16.11 -2.55
N LEU A 487 -22.64 16.16 -3.62
CA LEU A 487 -22.21 15.52 -4.90
C LEU A 487 -22.65 16.37 -6.08
N ALA A 488 -22.18 16.03 -7.24
CA ALA A 488 -22.52 16.74 -8.48
C ALA A 488 -23.11 15.76 -9.45
N VAL A 489 -24.11 16.23 -10.16
CA VAL A 489 -24.69 15.56 -11.34
C VAL A 489 -24.14 16.22 -12.59
N GLY A 490 -23.46 15.46 -13.43
CA GLY A 490 -22.93 15.91 -14.70
C GLY A 490 -23.68 15.30 -15.84
N ILE A 491 -24.02 16.11 -16.85
CA ILE A 491 -24.65 15.62 -18.08
C ILE A 491 -23.67 15.85 -19.24
N TYR A 492 -23.43 14.77 -19.98
CA TYR A 492 -22.40 14.73 -21.04
C TYR A 492 -23.15 14.56 -22.37
N ASP A 493 -22.67 15.27 -23.39
CA ASP A 493 -23.25 15.29 -24.75
C ASP A 493 -22.13 15.67 -25.72
N ASP A 494 -22.44 15.64 -27.00
CA ASP A 494 -21.49 15.99 -28.09
C ASP A 494 -20.97 17.44 -28.07
N ASP A 495 -19.68 17.65 -28.37
CA ASP A 495 -18.95 18.96 -28.53
C ASP A 495 -18.71 19.30 -30.00
N GLY A 496 -19.11 18.43 -30.95
CA GLY A 496 -18.61 18.53 -32.34
C GLY A 496 -19.36 19.65 -33.05
N SER A 497 -18.76 20.25 -34.09
CA SER A 497 -19.48 21.21 -34.96
C SER A 497 -20.13 20.37 -36.06
N LYS A 498 -21.45 20.12 -36.04
CA LYS A 498 -22.06 19.31 -37.13
C LYS A 498 -21.53 17.86 -37.04
N SER A 499 -21.14 17.42 -35.84
CA SER A 499 -20.34 16.19 -35.59
C SER A 499 -20.58 15.69 -34.15
N SER A 500 -20.44 14.39 -33.88
CA SER A 500 -20.45 13.83 -32.49
C SER A 500 -19.30 14.47 -31.71
N GLY A 501 -18.10 14.37 -32.27
CA GLY A 501 -16.85 14.67 -31.57
C GLY A 501 -16.79 13.94 -30.23
N LYS A 502 -16.45 14.71 -29.22
CA LYS A 502 -16.19 14.16 -27.89
C LYS A 502 -17.46 14.32 -27.08
N LEU A 503 -17.60 13.45 -26.07
CA LEU A 503 -18.60 13.67 -25.01
C LEU A 503 -17.97 14.59 -23.99
N VAL A 504 -18.56 15.75 -23.79
CA VAL A 504 -18.08 16.80 -22.88
C VAL A 504 -19.24 17.11 -21.93
N ARG A 505 -18.88 17.70 -20.82
CA ARG A 505 -19.91 18.09 -19.84
C ARG A 505 -20.65 19.34 -20.37
N VAL A 506 -21.96 19.23 -20.46
CA VAL A 506 -22.84 20.33 -20.99
C VAL A 506 -23.71 20.87 -19.87
N HIS A 507 -23.82 20.19 -18.72
CA HIS A 507 -24.59 20.71 -17.58
C HIS A 507 -24.04 20.11 -16.27
N ARG A 508 -23.98 20.89 -15.22
CA ARG A 508 -23.52 20.42 -13.90
C ARG A 508 -24.50 20.94 -12.86
N GLU A 509 -24.89 20.10 -11.90
CA GLU A 509 -25.71 20.55 -10.76
C GLU A 509 -25.05 19.99 -9.51
N GLU A 510 -24.79 20.82 -8.53
CA GLU A 510 -24.27 20.38 -7.21
C GLU A 510 -25.48 20.25 -6.31
N LEU A 511 -25.51 19.25 -5.45
CA LEU A 511 -26.64 19.18 -4.51
C LEU A 511 -26.26 18.43 -3.26
N ASP A 512 -27.07 18.69 -2.27
CA ASP A 512 -27.08 18.00 -0.99
C ASP A 512 -28.00 16.80 -1.10
N VAL A 513 -27.47 15.59 -1.05
CA VAL A 513 -28.22 14.31 -1.15
C VAL A 513 -28.34 13.78 0.26
N SER A 514 -29.52 13.28 0.61
CA SER A 514 -29.83 12.68 1.92
C SER A 514 -30.94 11.66 1.70
N GLY A 515 -30.93 10.55 2.40
CA GLY A 515 -32.07 9.63 2.36
C GLY A 515 -32.17 8.90 1.03
N PRO A 516 -33.22 8.12 0.87
CA PRO A 516 -33.35 7.25 -0.29
C PRO A 516 -33.56 7.97 -1.63
N ILE A 517 -34.14 9.16 -1.62
CA ILE A 517 -34.54 9.91 -2.84
C ILE A 517 -34.33 11.39 -2.60
N THR A 518 -33.61 12.03 -3.50
CA THR A 518 -33.35 13.48 -3.43
C THR A 518 -33.77 14.07 -4.76
N ASN A 519 -34.83 14.87 -4.71
CA ASN A 519 -35.34 15.52 -5.93
C ASN A 519 -34.33 16.57 -6.37
N VAL A 520 -34.21 16.77 -7.68
CA VAL A 520 -33.33 17.85 -8.24
C VAL A 520 -34.19 18.76 -9.12
N PRO A 521 -34.95 19.71 -8.52
CA PRO A 521 -35.85 20.56 -9.30
C PRO A 521 -35.10 21.31 -10.40
N ALA A 522 -33.83 21.65 -10.15
CA ALA A 522 -33.03 22.52 -11.04
C ALA A 522 -32.81 21.84 -12.38
N LEU A 523 -33.01 20.52 -12.49
CA LEU A 523 -32.83 19.76 -13.75
C LEU A 523 -34.13 19.67 -14.56
N VAL A 524 -35.30 20.06 -14.01
CA VAL A 524 -36.55 20.09 -14.83
C VAL A 524 -36.31 21.07 -16.00
N GLY A 525 -36.60 20.62 -17.21
CA GLY A 525 -36.46 21.36 -18.47
C GLY A 525 -35.08 21.22 -19.08
N VAL A 526 -34.18 20.50 -18.41
CA VAL A 526 -32.78 20.33 -18.91
C VAL A 526 -32.70 19.10 -19.80
N SER A 527 -31.96 19.20 -20.93
CA SER A 527 -31.69 18.05 -21.83
C SER A 527 -31.01 16.92 -21.04
N ARG A 528 -31.48 15.69 -21.21
CA ARG A 528 -30.90 14.47 -20.57
C ARG A 528 -29.52 14.21 -21.16
N GLY A 529 -29.16 14.77 -22.33
CA GLY A 529 -27.87 14.55 -22.99
C GLY A 529 -27.72 13.11 -23.37
N LYS A 530 -26.50 12.56 -23.39
CA LYS A 530 -26.31 11.16 -23.73
C LYS A 530 -25.72 10.34 -22.57
N LEU A 531 -25.18 11.01 -21.55
CA LEU A 531 -24.55 10.26 -20.43
C LEU A 531 -24.71 11.11 -19.17
N ILE A 532 -25.33 10.52 -18.14
CA ILE A 532 -25.57 11.22 -16.86
C ILE A 532 -24.68 10.54 -15.81
N LEU A 533 -23.90 11.32 -15.10
CA LEU A 533 -23.10 10.80 -13.96
C LEU A 533 -23.54 11.50 -12.69
N VAL A 534 -24.01 10.75 -11.70
CA VAL A 534 -24.48 11.31 -10.41
C VAL A 534 -23.40 11.27 -9.33
N ASN A 535 -22.15 11.03 -9.71
CA ASN A 535 -20.99 11.33 -8.83
C ASN A 535 -19.95 12.08 -9.68
N ASP A 536 -20.39 13.03 -10.49
CA ASP A 536 -19.46 13.86 -11.29
C ASP A 536 -18.37 14.49 -10.42
N ASP A 537 -17.14 14.57 -10.94
CA ASP A 537 -15.94 15.07 -10.22
C ASP A 537 -15.54 14.14 -9.06
N ASP A 538 -16.17 12.97 -8.94
CA ASP A 538 -15.78 11.96 -7.92
C ASP A 538 -15.73 12.59 -6.52
N LEU A 539 -16.77 13.33 -6.13
CA LEU A 539 -16.74 14.00 -4.82
C LEU A 539 -17.07 13.05 -3.69
N THR A 540 -17.88 12.01 -3.92
CA THR A 540 -18.33 11.14 -2.82
C THR A 540 -17.87 9.70 -3.03
N TYR A 541 -17.96 8.97 -1.94
CA TYR A 541 -17.68 7.53 -1.85
C TYR A 541 -18.99 6.79 -2.03
N CYS A 542 -19.10 5.97 -3.06
CA CYS A 542 -20.38 5.34 -3.44
C CYS A 542 -20.13 4.24 -4.42
N SER A 543 -21.18 3.49 -4.73
CA SER A 543 -21.26 2.68 -5.95
C SER A 543 -22.13 3.38 -6.98
N LEU A 544 -21.50 3.87 -8.02
CA LEU A 544 -22.19 4.63 -9.08
C LEU A 544 -22.79 3.68 -10.10
N ARG A 545 -24.05 3.91 -10.43
CA ARG A 545 -24.69 3.22 -11.56
C ARG A 545 -25.37 4.24 -12.49
N LEU A 546 -25.57 3.80 -13.71
CA LEU A 546 -26.06 4.67 -14.81
C LEU A 546 -27.45 4.17 -15.20
N ASP A 547 -28.28 5.10 -15.69
CA ASP A 547 -29.57 4.73 -16.33
C ASP A 547 -29.27 3.95 -17.63
N GLU A 548 -30.24 3.21 -18.13
CA GLU A 548 -30.07 2.29 -19.28
C GLU A 548 -29.44 3.01 -20.48
N ARG A 549 -29.98 4.17 -20.86
CA ARG A 549 -29.49 4.87 -22.06
C ARG A 549 -28.06 5.34 -21.80
N SER A 550 -27.80 5.94 -20.63
CA SER A 550 -26.43 6.40 -20.30
C SER A 550 -25.46 5.22 -20.34
N LEU A 551 -25.86 4.05 -19.85
CA LEU A 551 -24.96 2.88 -19.82
C LEU A 551 -24.67 2.47 -21.27
N GLN A 552 -25.66 2.49 -22.14
CA GLN A 552 -25.43 2.06 -23.55
C GLN A 552 -24.43 3.03 -24.19
N THR A 553 -24.60 4.31 -23.93
CA THR A 553 -23.68 5.37 -24.41
C THR A 553 -22.26 5.08 -23.89
N ALA A 554 -22.15 4.76 -22.60
CA ALA A 554 -20.86 4.42 -21.95
C ALA A 554 -20.24 3.21 -22.63
N LEU A 555 -20.94 2.11 -22.80
CA LEU A 555 -20.36 0.86 -23.33
C LEU A 555 -19.97 1.03 -24.81
N ASP A 556 -20.65 1.94 -25.51
CA ASP A 556 -20.40 2.18 -26.96
C ASP A 556 -19.37 3.29 -27.18
N ARG A 557 -19.28 4.33 -26.34
CA ARG A 557 -18.54 5.59 -26.64
C ARG A 557 -17.51 5.97 -25.56
N ILE A 558 -17.07 4.99 -24.76
CA ILE A 558 -16.13 5.34 -23.64
C ILE A 558 -14.94 6.12 -24.19
N ALA A 559 -14.49 5.77 -25.39
CA ALA A 559 -13.31 6.39 -26.02
C ALA A 559 -13.57 7.84 -26.43
N ASP A 560 -14.83 8.27 -26.49
CA ASP A 560 -15.17 9.68 -26.83
C ASP A 560 -15.23 10.57 -25.60
N ILE A 561 -15.13 10.03 -24.38
CA ILE A 561 -15.26 10.94 -23.21
C ILE A 561 -13.96 11.73 -23.12
N ALA A 562 -14.03 13.04 -23.30
CA ALA A 562 -12.84 13.89 -23.51
C ALA A 562 -11.96 13.95 -22.27
N GLU A 563 -12.56 14.19 -21.09
N GLU A 563 -12.55 14.16 -21.08
CA GLU A 563 -11.84 14.52 -19.83
CA GLU A 563 -11.78 14.49 -19.89
C GLU A 563 -11.50 13.23 -19.09
C GLU A 563 -11.48 13.20 -19.14
N PRO A 564 -10.26 13.05 -18.62
CA PRO A 564 -9.87 11.84 -17.91
C PRO A 564 -10.79 11.43 -16.74
N LEU A 565 -11.24 12.35 -15.91
CA LEU A 565 -11.93 11.96 -14.67
C LEU A 565 -13.29 11.35 -15.03
N PRO A 566 -14.19 11.96 -15.80
CA PRO A 566 -15.46 11.29 -16.08
C PRO A 566 -15.24 10.00 -16.85
N ARG A 567 -14.22 9.94 -17.72
CA ARG A 567 -13.94 8.69 -18.43
C ARG A 567 -13.59 7.58 -17.40
N THR A 568 -12.80 7.91 -16.41
CA THR A 568 -12.45 6.98 -15.28
C THR A 568 -13.70 6.63 -14.49
N LEU A 569 -14.64 7.55 -14.28
CA LEU A 569 -15.85 7.17 -13.54
C LEU A 569 -16.59 6.07 -14.30
N VAL A 570 -16.57 6.15 -15.63
CA VAL A 570 -17.21 5.11 -16.47
C VAL A 570 -16.39 3.82 -16.44
N TRP A 571 -15.06 3.90 -16.61
CA TRP A 571 -14.24 2.68 -16.50
C TRP A 571 -14.52 1.99 -15.16
N SER A 572 -14.56 2.75 -14.09
CA SER A 572 -14.71 2.19 -12.74
C SER A 572 -16.09 1.56 -12.60
N ALA A 573 -17.14 2.27 -13.01
CA ALA A 573 -18.50 1.67 -12.92
C ALA A 573 -18.50 0.38 -13.70
N ALA A 574 -17.93 0.32 -14.90
CA ALA A 574 -17.95 -0.93 -15.68
C ALA A 574 -17.20 -2.03 -14.93
N TRP A 575 -16.06 -1.73 -14.36
CA TRP A 575 -15.28 -2.75 -13.62
C TRP A 575 -16.04 -3.24 -12.41
N GLU A 576 -16.64 -2.31 -11.66
CA GLU A 576 -17.40 -2.69 -10.45
C GLU A 576 -18.62 -3.54 -10.86
N MET A 577 -19.29 -3.17 -11.96
CA MET A 577 -20.42 -4.01 -12.47
C MET A 577 -19.93 -5.41 -12.82
N THR A 578 -18.71 -5.54 -13.31
CA THR A 578 -18.12 -6.87 -13.61
C THR A 578 -17.86 -7.65 -12.32
N ARG A 579 -17.29 -7.01 -11.30
CA ARG A 579 -17.05 -7.66 -10.01
C ARG A 579 -18.37 -8.11 -9.42
N GLU A 580 -19.43 -7.35 -9.63
CA GLU A 580 -20.77 -7.58 -9.04
C GLU A 580 -21.66 -8.43 -9.93
N ALA A 581 -21.17 -9.06 -10.98
CA ALA A 581 -21.96 -9.99 -11.82
C ALA A 581 -23.14 -9.24 -12.42
N GLU A 582 -22.91 -8.01 -12.87
CA GLU A 582 -23.87 -7.17 -13.63
C GLU A 582 -23.40 -6.98 -15.08
N LEU A 583 -22.13 -7.16 -15.37
CA LEU A 583 -21.52 -7.01 -16.72
C LEU A 583 -20.68 -8.24 -16.93
N ARG A 584 -20.85 -8.96 -18.03
N ARG A 584 -20.85 -8.96 -18.03
CA ARG A 584 -20.09 -10.20 -18.25
CA ARG A 584 -20.09 -10.20 -18.26
C ARG A 584 -18.59 -9.87 -18.35
C ARG A 584 -18.60 -9.87 -18.37
N ALA A 585 -17.75 -10.72 -17.77
CA ALA A 585 -16.29 -10.64 -17.91
C ALA A 585 -15.89 -10.36 -19.38
N ARG A 586 -16.45 -11.10 -20.34
CA ARG A 586 -15.99 -10.96 -21.75
C ARG A 586 -16.39 -9.59 -22.28
N ASP A 587 -17.47 -9.00 -21.79
CA ASP A 587 -17.90 -7.64 -22.21
C ASP A 587 -16.97 -6.59 -21.61
N PHE A 588 -16.53 -6.74 -20.36
CA PHE A 588 -15.51 -5.83 -19.79
C PHE A 588 -14.22 -5.94 -20.62
N VAL A 589 -13.79 -7.16 -20.92
CA VAL A 589 -12.54 -7.34 -21.70
C VAL A 589 -12.67 -6.65 -23.07
N SER A 590 -13.82 -6.80 -23.72
N SER A 590 -13.82 -6.77 -23.72
CA SER A 590 -14.12 -6.12 -25.01
CA SER A 590 -14.02 -6.15 -25.04
C SER A 590 -13.98 -4.61 -24.81
C SER A 590 -14.05 -4.61 -24.87
N LEU A 591 -14.60 -4.07 -23.79
CA LEU A 591 -14.61 -2.62 -23.51
C LEU A 591 -13.15 -2.11 -23.41
N VAL A 592 -12.33 -2.78 -22.61
CA VAL A 592 -10.91 -2.38 -22.42
C VAL A 592 -10.15 -2.54 -23.72
N SER A 593 -10.33 -3.67 -24.38
CA SER A 593 -9.55 -3.98 -25.60
C SER A 593 -9.84 -2.92 -26.67
N GLY A 594 -11.09 -2.49 -26.73
CA GLY A 594 -11.48 -1.52 -27.78
C GLY A 594 -11.33 -0.09 -27.38
N GLY A 595 -11.22 0.22 -26.11
CA GLY A 595 -11.26 1.60 -25.61
C GLY A 595 -9.93 2.09 -25.05
N VAL A 596 -9.01 1.20 -24.66
CA VAL A 596 -7.78 1.62 -23.95
C VAL A 596 -6.89 2.51 -24.82
N HIS A 597 -7.01 2.43 -26.15
CA HIS A 597 -6.22 3.33 -27.04
C HIS A 597 -6.55 4.81 -26.77
N ALA A 598 -7.70 5.09 -26.21
CA ALA A 598 -8.13 6.47 -25.94
C ALA A 598 -7.81 6.90 -24.50
N GLU A 599 -7.28 5.98 -23.69
CA GLU A 599 -6.99 6.28 -22.29
C GLU A 599 -5.61 6.92 -22.23
N THR A 600 -5.59 8.23 -22.26
CA THR A 600 -4.33 9.00 -22.32
C THR A 600 -3.56 8.88 -21.01
N GLU A 601 -4.22 8.60 -19.90
CA GLU A 601 -3.54 8.46 -18.63
C GLU A 601 -2.97 7.06 -18.53
N VAL A 602 -1.64 6.92 -18.66
CA VAL A 602 -1.09 5.54 -18.75
C VAL A 602 -1.27 4.81 -17.41
N GLY A 603 -1.36 5.49 -16.28
CA GLY A 603 -1.63 4.83 -14.99
C GLY A 603 -3.01 4.18 -15.00
N VAL A 604 -3.97 4.87 -15.56
CA VAL A 604 -5.36 4.34 -15.66
C VAL A 604 -5.28 3.16 -16.62
N ALA A 605 -4.69 3.32 -17.80
CA ALA A 605 -4.56 2.22 -18.77
C ALA A 605 -3.91 1.00 -18.14
N GLN A 606 -2.86 1.15 -17.37
CA GLN A 606 -2.21 0.00 -16.74
C GLN A 606 -3.20 -0.73 -15.83
N ARG A 607 -3.98 0.00 -15.08
CA ARG A 607 -4.93 -0.65 -14.15
C ARG A 607 -6.01 -1.33 -14.97
N LEU A 608 -6.49 -0.74 -16.05
CA LEU A 608 -7.52 -1.40 -16.88
C LEU A 608 -7.01 -2.71 -17.45
N LEU A 609 -5.74 -2.76 -17.84
CA LEU A 609 -5.16 -4.01 -18.39
C LEU A 609 -5.06 -5.04 -17.26
N LEU A 610 -4.68 -4.69 -16.04
CA LEU A 610 -4.67 -5.66 -14.91
C LEU A 610 -6.10 -6.13 -14.64
N GLN A 611 -7.09 -5.24 -14.71
CA GLN A 611 -8.49 -5.65 -14.50
C GLN A 611 -8.89 -6.64 -15.59
N ALA A 612 -8.58 -6.34 -16.85
CA ALA A 612 -8.94 -7.26 -17.93
C ALA A 612 -8.32 -8.63 -17.68
N GLN A 613 -7.09 -8.67 -17.16
CA GLN A 613 -6.41 -9.95 -16.85
C GLN A 613 -7.12 -10.66 -15.70
N THR A 614 -7.57 -9.96 -14.67
CA THR A 614 -8.44 -10.59 -13.61
C THR A 614 -9.73 -11.09 -14.23
N ALA A 615 -10.33 -10.31 -15.13
CA ALA A 615 -11.58 -10.74 -15.81
C ALA A 615 -11.34 -12.07 -16.53
N LEU A 616 -10.26 -12.16 -17.28
CA LEU A 616 -10.00 -13.38 -18.08
C LEU A 616 -9.63 -14.52 -17.15
N GLY A 617 -8.73 -14.32 -16.21
CA GLY A 617 -8.22 -15.41 -15.37
C GLY A 617 -9.15 -15.90 -14.29
N CYS A 618 -10.00 -15.02 -13.80
CA CYS A 618 -10.83 -15.34 -12.62
C CYS A 618 -12.32 -15.30 -12.98
N TYR A 619 -12.81 -14.33 -13.76
CA TYR A 619 -14.25 -14.07 -13.88
C TYR A 619 -14.90 -14.72 -15.11
N ALA A 620 -14.12 -15.05 -16.11
CA ALA A 620 -14.66 -15.54 -17.38
C ALA A 620 -14.86 -17.04 -17.33
N GLU A 621 -15.89 -17.50 -18.05
CA GLU A 621 -16.04 -18.96 -18.27
C GLU A 621 -14.72 -19.52 -18.74
N PRO A 622 -14.13 -20.54 -18.08
CA PRO A 622 -12.75 -20.90 -18.32
C PRO A 622 -12.46 -21.50 -19.70
N GLY A 623 -13.46 -22.17 -20.25
CA GLY A 623 -13.26 -22.74 -21.60
C GLY A 623 -13.09 -21.63 -22.62
N TRP A 624 -14.00 -20.66 -22.59
CA TRP A 624 -13.94 -19.48 -23.48
C TRP A 624 -12.61 -18.74 -23.19
N ALA A 625 -12.24 -18.58 -21.92
CA ALA A 625 -11.02 -17.79 -21.61
C ALA A 625 -9.79 -18.46 -22.25
N ARG A 626 -9.66 -19.78 -22.15
CA ARG A 626 -8.48 -20.46 -22.69
C ARG A 626 -8.50 -20.44 -24.23
N GLU A 627 -9.66 -20.70 -24.84
CA GLU A 627 -9.74 -20.99 -26.30
C GLU A 627 -9.81 -19.67 -27.06
N ARG A 628 -10.40 -18.62 -26.49
CA ARG A 628 -10.69 -17.35 -27.22
C ARG A 628 -10.21 -16.12 -26.45
N GLY A 629 -10.61 -15.94 -25.19
CA GLY A 629 -10.42 -14.66 -24.50
C GLY A 629 -8.95 -14.32 -24.32
N TRP A 630 -8.17 -15.22 -23.74
CA TRP A 630 -6.73 -14.93 -23.55
C TRP A 630 -6.03 -14.73 -24.88
N PRO A 631 -6.15 -15.65 -25.87
CA PRO A 631 -5.39 -15.43 -27.10
C PRO A 631 -5.79 -14.14 -27.83
N GLN A 632 -7.07 -13.81 -27.83
CA GLN A 632 -7.53 -12.54 -28.42
C GLN A 632 -6.98 -11.32 -27.68
N PHE A 633 -6.94 -11.41 -26.35
CA PHE A 633 -6.43 -10.27 -25.57
C PHE A 633 -4.92 -10.11 -25.84
N ALA A 634 -4.18 -11.21 -25.88
CA ALA A 634 -2.74 -11.17 -26.19
C ALA A 634 -2.52 -10.61 -27.61
N ASP A 635 -3.33 -11.05 -28.57
CA ASP A 635 -3.22 -10.53 -29.94
C ASP A 635 -3.51 -9.02 -29.95
N ARG A 636 -4.51 -8.58 -29.18
CA ARG A 636 -4.84 -7.15 -29.15
C ARG A 636 -3.70 -6.35 -28.51
N LEU A 637 -3.10 -6.88 -27.43
CA LEU A 637 -2.01 -6.15 -26.78
C LEU A 637 -0.85 -5.95 -27.78
N LEU A 638 -0.56 -6.97 -28.59
CA LEU A 638 0.56 -6.81 -29.53
C LEU A 638 0.16 -5.82 -30.64
N GLU A 639 -1.08 -5.82 -31.08
CA GLU A 639 -1.54 -4.81 -32.08
C GLU A 639 -1.46 -3.41 -31.48
N LEU A 640 -1.91 -3.27 -30.21
CA LEU A 640 -1.87 -1.97 -29.52
C LEU A 640 -0.42 -1.51 -29.39
N ALA A 641 0.48 -2.44 -29.00
CA ALA A 641 1.90 -2.07 -28.84
C ALA A 641 2.47 -1.62 -30.18
N ARG A 642 2.12 -2.30 -31.26
CA ARG A 642 2.67 -2.01 -32.61
C ARG A 642 2.10 -0.72 -33.15
N GLU A 643 0.90 -0.31 -32.76
CA GLU A 643 0.28 0.96 -33.21
C GLU A 643 0.73 2.14 -32.35
N ALA A 644 1.26 1.88 -31.15
CA ALA A 644 1.69 2.96 -30.24
C ALA A 644 2.92 3.69 -30.79
N GLU A 645 3.12 4.89 -30.26
CA GLU A 645 4.30 5.69 -30.64
C GLU A 645 5.55 4.98 -30.18
N PRO A 646 6.61 5.01 -30.98
CA PRO A 646 7.86 4.42 -30.60
C PRO A 646 8.45 5.03 -29.33
N GLY A 647 8.83 4.17 -28.40
CA GLY A 647 9.45 4.61 -27.14
C GLY A 647 8.42 5.13 -26.15
N SER A 648 7.14 5.09 -26.49
CA SER A 648 6.13 5.70 -25.62
C SER A 648 5.87 4.86 -24.37
N ASP A 649 5.23 5.49 -23.39
CA ASP A 649 4.76 4.81 -22.18
C ASP A 649 3.73 3.74 -22.55
N HIS A 650 2.82 4.05 -23.49
CA HIS A 650 1.76 3.08 -23.85
C HIS A 650 2.39 1.87 -24.54
N GLN A 651 3.36 2.10 -25.41
CA GLN A 651 4.06 0.96 -26.07
C GLN A 651 4.61 -0.02 -25.02
N LEU A 652 5.26 0.52 -24.01
CA LEU A 652 5.86 -0.29 -22.93
C LEU A 652 4.74 -0.94 -22.12
N ALA A 653 3.70 -0.21 -21.74
CA ALA A 653 2.61 -0.80 -20.96
C ALA A 653 2.01 -2.01 -21.64
N TYR A 654 1.75 -1.91 -22.96
CA TYR A 654 1.10 -3.03 -23.66
C TYR A 654 2.03 -4.26 -23.67
N ILE A 655 3.33 -4.05 -23.90
CA ILE A 655 4.27 -5.19 -23.86
C ILE A 655 4.41 -5.75 -22.44
N ASN A 656 4.44 -4.90 -21.40
CA ASN A 656 4.46 -5.40 -20.02
C ASN A 656 3.25 -6.27 -19.76
N SER A 657 2.07 -5.84 -20.24
CA SER A 657 0.85 -6.65 -20.04
C SER A 657 0.91 -7.96 -20.83
N LEU A 658 1.51 -7.92 -22.03
CA LEU A 658 1.66 -9.17 -22.80
C LEU A 658 2.51 -10.14 -21.97
N CYS A 659 3.54 -9.67 -21.29
CA CYS A 659 4.43 -10.55 -20.51
C CYS A 659 3.72 -11.23 -19.34
N SER A 660 2.67 -10.65 -18.80
CA SER A 660 1.93 -11.21 -17.67
C SER A 660 0.65 -11.93 -18.10
N SER A 661 0.43 -12.11 -19.43
CA SER A 661 -0.79 -12.77 -19.93
C SER A 661 -0.56 -14.28 -20.14
N VAL A 662 -1.65 -14.99 -20.43
CA VAL A 662 -1.55 -16.41 -20.80
C VAL A 662 -1.34 -16.45 -22.32
N LEU A 663 -0.24 -17.05 -22.74
CA LEU A 663 0.32 -16.90 -24.11
C LEU A 663 0.07 -18.16 -24.95
N SER A 664 -0.08 -17.87 -26.23
CA SER A 664 -0.09 -18.87 -27.32
C SER A 664 1.30 -18.96 -27.92
N PRO A 665 1.60 -19.97 -28.76
CA PRO A 665 2.95 -20.11 -29.29
C PRO A 665 3.43 -18.86 -30.05
N ARG A 666 2.54 -18.24 -30.82
CA ARG A 666 2.98 -17.01 -31.55
C ARG A 666 3.51 -15.92 -30.60
N HIS A 667 2.87 -15.77 -29.44
CA HIS A 667 3.24 -14.67 -28.52
C HIS A 667 4.58 -15.02 -27.86
N VAL A 668 4.79 -16.29 -27.61
CA VAL A 668 6.08 -16.80 -27.05
C VAL A 668 7.20 -16.54 -28.05
N GLN A 669 6.96 -16.73 -29.35
CA GLN A 669 7.98 -16.48 -30.40
C GLN A 669 8.32 -14.99 -30.41
N THR A 670 7.30 -14.12 -30.37
CA THR A 670 7.46 -12.66 -30.47
C THR A 670 8.30 -12.19 -29.28
N LEU A 671 7.93 -12.63 -28.08
CA LEU A 671 8.66 -12.16 -26.90
C LEU A 671 10.09 -12.71 -26.94
N GLY A 672 10.32 -13.97 -27.33
CA GLY A 672 11.71 -14.47 -27.40
C GLY A 672 12.51 -13.73 -28.44
N ALA A 673 11.89 -13.29 -29.54
CA ALA A 673 12.61 -12.55 -30.58
C ALA A 673 13.09 -11.20 -30.05
N LEU A 674 12.34 -10.58 -29.14
CA LEU A 674 12.73 -9.29 -28.58
C LEU A 674 14.00 -9.38 -27.75
N LEU A 675 14.35 -10.56 -27.22
CA LEU A 675 15.62 -10.73 -26.45
C LEU A 675 16.86 -10.79 -27.35
N GLU A 676 16.72 -11.03 -28.64
CA GLU A 676 17.83 -11.48 -29.52
C GLU A 676 18.08 -10.47 -30.61
N GLY A 677 17.07 -9.65 -30.89
CA GLY A 677 16.98 -8.91 -32.15
C GLY A 677 16.64 -7.47 -31.88
N GLU A 678 16.73 -6.65 -32.92
CA GLU A 678 16.34 -5.23 -32.87
C GLU A 678 14.83 -5.20 -32.71
N PRO A 679 14.29 -4.43 -31.76
CA PRO A 679 12.84 -4.42 -31.58
C PRO A 679 12.11 -3.88 -32.82
N ALA A 680 12.75 -3.03 -33.64
CA ALA A 680 12.12 -2.53 -34.87
C ALA A 680 11.72 -3.71 -35.78
N ALA A 681 12.49 -4.79 -35.75
CA ALA A 681 12.26 -5.98 -36.60
C ALA A 681 10.93 -6.63 -36.19
N CYS A 682 10.53 -6.47 -34.92
N CYS A 682 10.52 -6.39 -34.96
CA CYS A 682 9.26 -7.01 -34.34
CA CYS A 682 9.28 -6.94 -34.35
C CYS A 682 8.12 -5.98 -34.45
C CYS A 682 8.09 -5.98 -34.47
N GLY A 683 8.26 -4.86 -35.18
CA GLY A 683 7.27 -3.78 -35.25
C GLY A 683 7.22 -2.96 -33.97
N LEU A 684 8.27 -2.98 -33.15
CA LEU A 684 8.30 -2.30 -31.84
C LEU A 684 9.50 -1.36 -31.79
N ALA A 685 9.70 -0.58 -32.84
CA ALA A 685 10.79 0.41 -32.85
C ALA A 685 10.69 1.32 -31.62
N GLY A 686 11.82 1.59 -30.99
CA GLY A 686 11.87 2.52 -29.86
C GLY A 686 11.62 1.82 -28.53
N LEU A 687 11.27 0.55 -28.53
CA LEU A 687 11.07 -0.22 -27.25
C LEU A 687 12.46 -0.55 -26.72
N ALA A 688 12.76 -0.13 -25.51
CA ALA A 688 14.05 -0.41 -24.85
C ALA A 688 13.94 -1.78 -24.19
N VAL A 689 14.63 -2.77 -24.72
CA VAL A 689 14.60 -4.12 -24.12
C VAL A 689 15.71 -4.15 -23.09
N ASP A 690 15.45 -3.49 -21.98
CA ASP A 690 16.46 -3.18 -20.97
C ASP A 690 16.42 -4.22 -19.86
N THR A 691 17.11 -3.96 -18.76
CA THR A 691 17.38 -5.02 -17.78
C THR A 691 16.07 -5.62 -17.28
N ASP A 692 15.15 -4.77 -16.88
CA ASP A 692 13.92 -5.29 -16.25
C ASP A 692 12.91 -5.76 -17.30
N LEU A 693 12.86 -5.16 -18.48
CA LEU A 693 11.94 -5.73 -19.49
C LEU A 693 12.47 -7.09 -19.91
N ARG A 694 13.78 -7.26 -20.03
CA ARG A 694 14.35 -8.61 -20.27
C ARG A 694 13.85 -9.57 -19.22
N TRP A 695 13.89 -9.21 -17.93
CA TRP A 695 13.44 -10.14 -16.90
C TRP A 695 11.94 -10.44 -17.04
N ARG A 696 11.12 -9.49 -17.40
CA ARG A 696 9.66 -9.70 -17.55
C ARG A 696 9.43 -10.66 -18.71
N ILE A 697 10.23 -10.53 -19.78
CA ILE A 697 10.14 -11.48 -20.93
C ILE A 697 10.63 -12.87 -20.52
N VAL A 698 11.78 -12.95 -19.84
CA VAL A 698 12.32 -14.27 -19.38
C VAL A 698 11.27 -14.96 -18.50
N THR A 699 10.61 -14.20 -17.63
CA THR A 699 9.61 -14.78 -16.70
C THR A 699 8.42 -15.28 -17.56
N ALA A 700 7.99 -14.53 -18.59
CA ALA A 700 6.88 -14.98 -19.48
C ALA A 700 7.27 -16.27 -20.19
N LEU A 701 8.49 -16.36 -20.68
CA LEU A 701 8.94 -17.56 -21.42
C LEU A 701 9.03 -18.73 -20.46
N ALA A 702 9.50 -18.53 -19.24
CA ALA A 702 9.55 -19.60 -18.24
C ALA A 702 8.13 -20.07 -17.93
N THR A 703 7.21 -19.13 -17.73
CA THR A 703 5.81 -19.46 -17.40
C THR A 703 5.19 -20.33 -18.51
N ALA A 704 5.50 -19.99 -19.74
CA ALA A 704 4.91 -20.67 -20.92
C ALA A 704 5.57 -22.00 -21.21
N GLY A 705 6.59 -22.40 -20.47
CA GLY A 705 7.26 -23.68 -20.78
C GLY A 705 8.21 -23.57 -21.94
N ALA A 706 8.68 -22.39 -22.33
CA ALA A 706 9.49 -22.15 -23.55
C ALA A 706 10.98 -22.20 -23.24
N ILE A 707 11.38 -21.94 -22.00
CA ILE A 707 12.81 -22.00 -21.59
C ILE A 707 12.94 -22.82 -20.31
N ASP A 708 14.08 -23.48 -20.15
CA ASP A 708 14.40 -24.30 -18.99
C ASP A 708 13.24 -25.25 -18.69
N ALA A 709 12.75 -25.93 -19.74
CA ALA A 709 11.60 -26.85 -19.65
C ALA A 709 12.04 -28.33 -19.72
N ASP A 710 13.32 -28.61 -19.74
CA ASP A 710 13.84 -30.01 -19.85
C ASP A 710 13.82 -30.70 -18.49
N GLY A 711 13.86 -29.95 -17.40
CA GLY A 711 13.92 -30.50 -16.05
C GLY A 711 14.06 -29.35 -15.07
N PRO A 712 14.34 -29.64 -13.79
CA PRO A 712 14.46 -28.59 -12.79
C PRO A 712 15.68 -27.69 -13.01
N GLU A 713 16.71 -28.09 -13.78
CA GLU A 713 17.88 -27.22 -14.03
C GLU A 713 17.42 -25.98 -14.82
N THR A 714 18.12 -24.87 -14.67
CA THR A 714 17.75 -23.59 -15.32
C THR A 714 18.93 -22.89 -15.96
N PRO A 715 19.57 -23.49 -16.99
CA PRO A 715 20.71 -22.84 -17.63
C PRO A 715 20.38 -21.47 -18.22
N ARG A 716 19.20 -21.29 -18.83
CA ARG A 716 18.85 -20.01 -19.49
C ARG A 716 18.61 -18.94 -18.40
N ILE A 717 17.88 -19.28 -17.36
CA ILE A 717 17.66 -18.25 -16.31
C ILE A 717 19.00 -17.98 -15.62
N ASP A 718 19.84 -19.00 -15.45
CA ASP A 718 21.16 -18.78 -14.77
C ASP A 718 21.98 -17.84 -15.67
N ALA A 719 21.89 -17.95 -16.99
CA ALA A 719 22.65 -17.06 -17.90
C ALA A 719 22.14 -15.62 -17.74
N GLU A 720 20.84 -15.43 -17.53
CA GLU A 720 20.30 -14.09 -17.34
C GLU A 720 20.87 -13.54 -16.01
N VAL A 721 20.99 -14.34 -14.96
CA VAL A 721 21.59 -13.84 -13.71
C VAL A 721 23.03 -13.44 -13.98
N GLN A 722 23.74 -14.17 -14.82
CA GLN A 722 25.14 -13.78 -15.09
C GLN A 722 25.19 -12.40 -15.72
N ARG A 723 24.24 -12.09 -16.59
CA ARG A 723 24.06 -10.80 -17.22
C ARG A 723 23.72 -9.72 -16.17
N ASP A 724 22.89 -10.08 -15.19
CA ASP A 724 22.38 -9.12 -14.18
C ASP A 724 22.57 -9.71 -12.79
N PRO A 725 23.82 -9.79 -12.28
CA PRO A 725 24.12 -10.57 -11.06
C PRO A 725 23.89 -9.81 -9.76
N THR A 726 22.86 -9.03 -9.74
CA THR A 726 22.51 -8.07 -8.68
C THR A 726 21.51 -8.74 -7.77
N ALA A 727 21.23 -8.15 -6.60
CA ALA A 727 20.16 -8.67 -5.72
C ALA A 727 18.82 -8.65 -6.46
N ALA A 728 18.58 -7.62 -7.26
CA ALA A 728 17.31 -7.56 -8.03
C ALA A 728 17.28 -8.70 -9.07
N GLY A 729 18.39 -8.91 -9.75
CA GLY A 729 18.38 -9.97 -10.78
C GLY A 729 18.15 -11.32 -10.14
N LYS A 730 18.77 -11.57 -8.98
CA LYS A 730 18.60 -12.86 -8.27
C LYS A 730 17.14 -13.03 -7.87
N ARG A 731 16.43 -11.97 -7.43
N ARG A 731 16.49 -11.94 -7.44
CA ARG A 731 15.00 -12.15 -7.04
CA ARG A 731 15.07 -11.99 -7.04
C ARG A 731 14.17 -12.37 -8.30
C ARG A 731 14.28 -12.41 -8.28
N HIS A 732 14.47 -11.69 -9.38
CA HIS A 732 13.72 -11.93 -10.64
C HIS A 732 13.97 -13.37 -11.10
N ALA A 733 15.20 -13.86 -10.97
CA ALA A 733 15.53 -15.25 -11.35
C ALA A 733 14.73 -16.20 -10.47
N ALA A 734 14.65 -15.95 -9.17
CA ALA A 734 13.93 -16.86 -8.28
C ALA A 734 12.46 -16.91 -8.70
N GLN A 735 11.86 -15.80 -9.06
CA GLN A 735 10.48 -15.78 -9.58
C GLN A 735 10.41 -16.61 -10.87
N ALA A 736 11.31 -16.37 -11.82
CA ALA A 736 11.24 -17.03 -13.14
C ALA A 736 11.42 -18.54 -12.95
N ARG A 737 12.29 -18.97 -12.07
CA ARG A 737 12.49 -20.44 -11.91
C ARG A 737 11.22 -21.06 -11.36
N ALA A 738 10.52 -20.41 -10.44
CA ALA A 738 9.31 -20.97 -9.77
C ALA A 738 8.10 -20.89 -10.71
N ALA A 739 8.17 -20.03 -11.72
CA ALA A 739 7.03 -19.82 -12.65
C ALA A 739 6.86 -20.97 -13.63
N ARG A 740 7.86 -21.84 -13.77
CA ARG A 740 7.84 -22.93 -14.78
C ARG A 740 6.76 -23.93 -14.47
N PRO A 741 6.04 -24.40 -15.51
CA PRO A 741 4.91 -25.31 -15.32
C PRO A 741 5.34 -26.78 -15.17
N GLN A 742 6.14 -27.03 -14.15
CA GLN A 742 6.57 -28.38 -13.73
C GLN A 742 6.10 -28.58 -12.30
N PHE A 743 5.36 -29.64 -12.00
CA PHE A 743 4.89 -29.90 -10.63
C PHE A 743 6.09 -29.96 -9.69
N VAL A 744 7.17 -30.64 -10.06
CA VAL A 744 8.28 -30.83 -9.11
C VAL A 744 8.86 -29.45 -8.77
N VAL A 745 8.89 -28.53 -9.73
CA VAL A 745 9.42 -27.17 -9.47
C VAL A 745 8.47 -26.44 -8.52
N LYS A 746 7.18 -26.51 -8.75
CA LYS A 746 6.19 -25.88 -7.85
C LYS A 746 6.33 -26.45 -6.45
N ASP A 747 6.47 -27.78 -6.34
CA ASP A 747 6.53 -28.43 -5.01
C ASP A 747 7.81 -27.99 -4.28
N GLU A 748 8.94 -27.92 -4.96
CA GLU A 748 10.24 -27.54 -4.28
C GLU A 748 10.10 -26.09 -3.80
N ALA A 749 9.59 -25.22 -4.65
CA ALA A 749 9.44 -23.80 -4.29
C ALA A 749 8.45 -23.64 -3.13
N PHE A 750 7.31 -24.31 -3.18
CA PHE A 750 6.25 -24.21 -2.16
C PHE A 750 6.86 -24.64 -0.83
N THR A 751 7.47 -25.82 -0.81
CA THR A 751 8.02 -26.37 0.45
C THR A 751 9.08 -25.41 0.98
N THR A 752 9.97 -24.90 0.14
CA THR A 752 11.01 -23.93 0.59
C THR A 752 10.34 -22.73 1.25
N VAL A 753 9.38 -22.11 0.58
CA VAL A 753 8.90 -20.84 1.13
C VAL A 753 8.11 -21.07 2.40
N VAL A 754 7.37 -22.16 2.56
N VAL A 754 7.38 -22.17 2.53
CA VAL A 754 6.53 -22.36 3.76
CA VAL A 754 6.55 -22.41 3.74
C VAL A 754 7.35 -22.99 4.90
C VAL A 754 7.43 -22.87 4.91
N GLU A 755 8.52 -23.58 4.61
N GLU A 755 8.53 -23.59 4.66
CA GLU A 755 9.36 -24.28 5.64
CA GLU A 755 9.27 -24.24 5.78
C GLU A 755 10.52 -23.42 6.12
C GLU A 755 10.57 -23.49 6.11
N ASP A 756 11.23 -22.82 5.17
CA ASP A 756 12.57 -22.23 5.47
C ASP A 756 12.41 -20.85 6.10
N ASP A 757 12.41 -20.81 7.42
CA ASP A 757 12.19 -19.54 8.16
C ASP A 757 13.42 -18.66 7.99
N THR A 758 14.56 -19.18 7.60
CA THR A 758 15.81 -18.40 7.42
C THR A 758 15.82 -17.66 6.07
N LEU A 759 14.90 -17.95 5.14
CA LEU A 759 14.95 -17.35 3.79
C LEU A 759 14.45 -15.92 3.89
N ALA A 760 15.20 -15.00 3.30
CA ALA A 760 14.77 -13.59 3.30
C ALA A 760 13.33 -13.47 2.79
N ASN A 761 12.53 -12.66 3.43
CA ASN A 761 11.13 -12.46 3.05
C ASN A 761 11.04 -11.97 1.62
N ALA A 762 11.93 -11.09 1.17
CA ALA A 762 11.88 -10.55 -0.22
C ALA A 762 12.07 -11.69 -1.23
N THR A 763 12.95 -12.63 -0.96
CA THR A 763 13.18 -13.79 -1.86
C THR A 763 11.97 -14.67 -1.83
N GLY A 764 11.42 -14.98 -0.66
CA GLY A 764 10.18 -15.76 -0.54
C GLY A 764 9.08 -15.17 -1.39
N ARG A 765 8.88 -13.86 -1.25
CA ARG A 765 7.80 -13.19 -2.00
C ARG A 765 8.00 -13.41 -3.52
N ALA A 766 9.23 -13.27 -4.00
CA ALA A 766 9.51 -13.43 -5.43
C ALA A 766 9.18 -14.87 -5.86
N MET A 767 9.58 -15.83 -5.06
CA MET A 767 9.25 -17.25 -5.34
C MET A 767 7.74 -17.41 -5.36
N ILE A 768 7.00 -16.83 -4.43
CA ILE A 768 5.52 -16.97 -4.40
C ILE A 768 4.91 -16.38 -5.67
N ALA A 769 5.39 -15.24 -6.15
CA ALA A 769 4.88 -14.63 -7.39
C ALA A 769 5.09 -15.61 -8.53
N GLY A 770 6.19 -16.35 -8.53
CA GLY A 770 6.43 -17.37 -9.57
C GLY A 770 5.56 -18.59 -9.38
N ILE A 771 5.36 -19.06 -8.16
CA ILE A 771 4.50 -20.24 -7.93
C ILE A 771 3.12 -19.97 -8.53
N ALA A 772 2.51 -18.85 -8.16
CA ALA A 772 1.13 -18.48 -8.53
C ALA A 772 1.07 -17.76 -9.87
N ALA A 773 1.63 -18.37 -10.90
CA ALA A 773 1.75 -17.79 -12.24
C ALA A 773 0.44 -17.98 -12.96
N PRO A 774 0.12 -17.08 -13.93
CA PRO A 774 -1.15 -17.15 -14.65
C PRO A 774 -1.25 -18.39 -15.54
N GLY A 775 -2.46 -18.90 -15.66
CA GLY A 775 -2.76 -20.01 -16.54
C GLY A 775 -2.44 -21.37 -15.96
N GLN A 776 -2.02 -21.46 -14.71
CA GLN A 776 -1.47 -22.73 -14.17
C GLN A 776 -2.42 -23.27 -13.11
N GLY A 777 -3.67 -22.84 -13.07
CA GLY A 777 -4.57 -23.29 -11.96
C GLY A 777 -4.69 -24.81 -11.88
N GLU A 778 -4.72 -25.54 -12.96
CA GLU A 778 -4.92 -27.01 -12.88
C GLU A 778 -3.67 -27.65 -12.26
N LEU A 779 -2.48 -27.19 -12.66
CA LEU A 779 -1.19 -27.66 -12.14
C LEU A 779 -1.10 -27.39 -10.63
N LEU A 780 -1.60 -26.23 -10.21
CA LEU A 780 -1.46 -25.79 -8.82
C LEU A 780 -2.55 -26.35 -7.90
N LYS A 781 -3.53 -27.12 -8.40
CA LYS A 781 -4.65 -27.59 -7.53
C LYS A 781 -4.17 -28.28 -6.27
N PRO A 782 -3.13 -29.15 -6.28
CA PRO A 782 -2.70 -29.83 -5.06
C PRO A 782 -2.27 -28.87 -3.94
N PHE A 783 -1.82 -27.69 -4.31
CA PHE A 783 -1.29 -26.74 -3.30
C PHE A 783 -2.41 -26.11 -2.52
N ALA A 784 -3.68 -26.27 -2.88
CA ALA A 784 -4.79 -25.73 -2.07
C ALA A 784 -4.81 -26.43 -0.71
N ARG A 785 -4.89 -27.76 -0.68
N ARG A 785 -4.85 -27.74 -0.72
CA ARG A 785 -4.91 -28.51 0.60
CA ARG A 785 -4.90 -28.47 0.55
C ARG A 785 -3.59 -28.25 1.35
C ARG A 785 -3.60 -28.23 1.33
N ARG A 786 -2.46 -28.27 0.65
CA ARG A 786 -1.15 -28.06 1.33
C ARG A 786 -1.12 -26.69 2.01
N TYR A 787 -1.71 -25.70 1.36
CA TYR A 787 -1.80 -24.34 1.94
C TYR A 787 -2.60 -24.38 3.25
N PHE A 788 -3.80 -24.97 3.23
CA PHE A 788 -4.65 -24.99 4.44
C PHE A 788 -3.95 -25.76 5.56
N GLN A 789 -3.22 -26.81 5.22
CA GLN A 789 -2.52 -27.61 6.25
C GLN A 789 -1.29 -26.87 6.78
N ALA A 790 -0.65 -26.03 5.96
CA ALA A 790 0.63 -25.37 6.36
C ALA A 790 0.41 -24.04 7.10
N ILE A 791 -0.63 -23.27 6.80
CA ILE A 791 -0.68 -21.88 7.31
C ILE A 791 -0.76 -21.81 8.82
N PRO A 792 -1.35 -22.71 9.62
CA PRO A 792 -1.29 -22.48 11.06
C PRO A 792 0.15 -22.47 11.58
N GLY A 793 0.99 -23.35 11.10
CA GLY A 793 2.40 -23.41 11.49
C GLY A 793 3.14 -22.15 11.07
N VAL A 794 2.95 -21.73 9.82
CA VAL A 794 3.62 -20.48 9.34
C VAL A 794 3.16 -19.34 10.25
N TRP A 795 1.88 -19.25 10.59
CA TRP A 795 1.36 -18.14 11.40
C TRP A 795 1.96 -18.20 12.81
N ALA A 796 2.20 -19.41 13.32
CA ALA A 796 2.76 -19.55 14.68
C ALA A 796 4.25 -19.17 14.69
N ARG A 797 5.02 -19.46 13.65
CA ARG A 797 6.50 -19.35 13.63
C ARG A 797 6.96 -17.96 13.18
N ARG A 798 6.22 -17.31 12.31
CA ARG A 798 6.65 -16.04 11.71
C ARG A 798 5.75 -14.93 12.23
N SER A 799 6.27 -13.71 12.19
CA SER A 799 5.41 -12.55 12.54
C SER A 799 4.22 -12.46 11.60
N SER A 800 3.19 -11.71 11.98
CA SER A 800 2.02 -11.52 11.11
C SER A 800 2.48 -10.96 9.77
N GLU A 801 3.27 -9.90 9.76
CA GLU A 801 3.62 -9.24 8.51
C GLU A 801 4.37 -10.19 7.60
N VAL A 802 5.27 -11.00 8.12
CA VAL A 802 6.06 -11.92 7.29
C VAL A 802 5.22 -13.13 6.89
N ALA A 803 4.44 -13.67 7.82
CA ALA A 803 3.55 -14.82 7.51
C ALA A 803 2.58 -14.42 6.41
N GLN A 804 2.14 -13.18 6.35
CA GLN A 804 1.22 -12.72 5.32
C GLN A 804 1.77 -13.01 3.91
N SER A 805 3.09 -13.00 3.71
CA SER A 805 3.61 -13.34 2.36
C SER A 805 3.03 -14.68 1.88
N VAL A 806 3.02 -15.67 2.74
CA VAL A 806 2.43 -16.99 2.41
C VAL A 806 0.91 -16.93 2.50
N VAL A 807 0.35 -16.40 3.59
CA VAL A 807 -1.10 -16.52 3.82
C VAL A 807 -1.83 -15.79 2.70
N ILE A 808 -1.40 -14.58 2.37
CA ILE A 808 -2.08 -13.82 1.29
C ILE A 808 -1.60 -14.36 -0.05
N GLY A 809 -0.30 -14.50 -0.24
CA GLY A 809 0.26 -14.71 -1.58
C GLY A 809 0.00 -16.11 -2.12
N LEU A 810 -0.15 -17.12 -1.25
CA LEU A 810 -0.37 -18.52 -1.67
C LEU A 810 -1.83 -18.94 -1.45
N TYR A 811 -2.72 -18.07 -1.05
CA TYR A 811 -4.17 -18.46 -0.99
C TYR A 811 -4.53 -19.02 -2.37
N PRO A 812 -5.27 -20.14 -2.42
CA PRO A 812 -5.58 -20.79 -3.70
C PRO A 812 -6.70 -20.11 -4.50
N HIS A 813 -6.43 -18.89 -4.91
CA HIS A 813 -7.35 -18.07 -5.75
C HIS A 813 -7.64 -18.75 -7.07
N TRP A 814 -6.74 -19.62 -7.53
CA TRP A 814 -6.83 -20.38 -8.79
C TRP A 814 -7.83 -21.54 -8.67
N ASP A 815 -8.23 -22.00 -7.48
CA ASP A 815 -9.14 -23.14 -7.35
C ASP A 815 -10.55 -22.56 -7.22
N ILE A 816 -11.13 -22.19 -8.36
CA ILE A 816 -12.44 -21.49 -8.41
C ILE A 816 -13.50 -22.57 -8.58
N SER A 817 -13.97 -23.09 -7.47
CA SER A 817 -14.86 -24.27 -7.47
C SER A 817 -15.62 -24.28 -6.17
N GLU A 818 -16.75 -24.96 -6.09
CA GLU A 818 -17.44 -25.16 -4.80
C GLU A 818 -16.56 -25.96 -3.86
N GLN A 819 -15.74 -26.89 -4.36
CA GLN A 819 -14.82 -27.65 -3.51
C GLN A 819 -13.82 -26.66 -2.88
N GLY A 820 -13.35 -25.68 -3.64
CA GLY A 820 -12.40 -24.69 -3.10
C GLY A 820 -13.04 -23.85 -2.01
N ILE A 821 -14.29 -23.46 -2.20
CA ILE A 821 -15.05 -22.76 -1.15
C ILE A 821 -15.17 -23.65 0.11
N THR A 822 -15.55 -24.91 -0.06
CA THR A 822 -15.72 -25.88 1.04
C THR A 822 -14.39 -26.11 1.75
N ALA A 823 -13.27 -26.14 1.03
CA ALA A 823 -11.94 -26.31 1.67
C ALA A 823 -11.69 -25.19 2.67
N ALA A 824 -11.98 -23.95 2.31
CA ALA A 824 -11.80 -22.83 3.24
C ALA A 824 -12.83 -22.95 4.38
N GLU A 825 -14.06 -23.31 4.07
CA GLU A 825 -15.11 -23.48 5.09
C GLU A 825 -14.65 -24.51 6.15
N GLU A 826 -14.04 -25.61 5.70
CA GLU A 826 -13.58 -26.65 6.65
C GLU A 826 -12.43 -26.11 7.50
N PHE A 827 -11.48 -25.37 6.91
CA PHE A 827 -10.42 -24.69 7.71
C PHE A 827 -11.05 -23.73 8.74
N LEU A 828 -12.04 -22.94 8.37
CA LEU A 828 -12.69 -21.88 9.20
C LEU A 828 -13.57 -22.53 10.29
N SER A 829 -13.85 -23.82 10.18
CA SER A 829 -14.80 -24.49 11.13
C SER A 829 -14.11 -24.69 12.48
N ASP A 830 -12.78 -24.59 12.58
CA ASP A 830 -12.04 -24.67 13.86
C ASP A 830 -12.07 -23.32 14.59
N PRO A 831 -12.79 -23.17 15.75
CA PRO A 831 -12.92 -21.85 16.38
C PRO A 831 -11.67 -21.34 17.09
N GLU A 832 -10.62 -22.17 17.19
CA GLU A 832 -9.35 -21.81 17.84
C GLU A 832 -8.35 -21.18 16.86
N VAL A 833 -8.61 -21.20 15.56
CA VAL A 833 -7.74 -20.46 14.59
C VAL A 833 -7.78 -19.01 15.02
N PRO A 834 -6.63 -18.29 15.13
CA PRO A 834 -6.70 -16.94 15.66
C PRO A 834 -7.43 -16.01 14.70
N PRO A 835 -8.08 -14.95 15.21
CA PRO A 835 -8.94 -14.10 14.40
C PRO A 835 -8.26 -13.50 13.15
N ALA A 836 -7.00 -13.08 13.26
CA ALA A 836 -6.35 -12.42 12.10
C ALA A 836 -6.12 -13.44 11.00
N LEU A 837 -5.81 -14.68 11.33
CA LEU A 837 -5.59 -15.73 10.31
C LEU A 837 -6.95 -16.09 9.70
N ARG A 838 -7.99 -16.22 10.52
N ARG A 838 -7.96 -16.23 10.55
CA ARG A 838 -9.36 -16.48 10.01
CA ARG A 838 -9.34 -16.46 10.12
C ARG A 838 -9.75 -15.37 9.04
C ARG A 838 -9.74 -15.38 9.09
N ARG A 839 -9.46 -14.12 9.41
CA ARG A 839 -9.78 -12.96 8.53
C ARG A 839 -9.20 -13.21 7.15
N LEU A 840 -7.90 -13.54 7.05
CA LEU A 840 -7.26 -13.60 5.72
C LEU A 840 -7.84 -14.78 4.94
N VAL A 841 -8.21 -15.86 5.61
CA VAL A 841 -8.81 -16.99 4.88
C VAL A 841 -10.24 -16.64 4.44
N LEU A 842 -11.00 -15.95 5.29
CA LEU A 842 -12.34 -15.50 4.91
C LEU A 842 -12.25 -14.61 3.67
N GLU A 843 -11.22 -13.74 3.64
CA GLU A 843 -11.07 -12.85 2.47
C GLU A 843 -10.74 -13.63 1.21
N GLY A 844 -9.85 -14.61 1.31
CA GLY A 844 -9.53 -15.45 0.15
C GLY A 844 -10.76 -16.21 -0.36
N GLN A 845 -11.49 -16.78 0.55
CA GLN A 845 -12.72 -17.54 0.24
C GLN A 845 -13.72 -16.62 -0.45
N ALA A 846 -13.87 -15.38 0.03
CA ALA A 846 -14.83 -14.43 -0.57
C ALA A 846 -14.41 -14.04 -1.97
N ALA A 847 -13.11 -13.92 -2.23
CA ALA A 847 -12.65 -13.60 -3.60
C ALA A 847 -12.99 -14.75 -4.54
N VAL A 848 -12.83 -15.99 -4.08
CA VAL A 848 -13.15 -17.17 -4.93
C VAL A 848 -14.67 -17.23 -5.11
N GLN A 849 -15.44 -16.95 -4.07
CA GLN A 849 -16.91 -16.94 -4.23
C GLN A 849 -17.36 -15.92 -5.28
N ARG A 850 -16.76 -14.73 -5.25
CA ARG A 850 -17.05 -13.69 -6.24
C ARG A 850 -16.69 -14.20 -7.64
N SER A 851 -15.55 -14.85 -7.79
CA SER A 851 -15.12 -15.41 -9.09
C SER A 851 -16.15 -16.42 -9.59
N LEU A 852 -16.66 -17.28 -8.71
N LEU A 852 -16.61 -17.30 -8.72
CA LEU A 852 -17.63 -18.33 -9.15
CA LEU A 852 -17.53 -18.38 -9.16
C LEU A 852 -18.88 -17.63 -9.67
C LEU A 852 -18.85 -17.73 -9.58
N ARG A 853 -19.37 -16.63 -8.96
N ARG A 853 -19.30 -16.69 -8.90
CA ARG A 853 -20.62 -15.93 -9.36
CA ARG A 853 -20.53 -15.94 -9.28
C ARG A 853 -20.38 -15.20 -10.67
C ARG A 853 -20.31 -15.31 -10.66
N ALA A 854 -19.17 -14.65 -10.85
CA ALA A 854 -18.87 -13.95 -12.12
C ALA A 854 -18.80 -14.96 -13.25
N ARG A 855 -18.21 -16.11 -13.04
CA ARG A 855 -18.09 -17.12 -14.12
C ARG A 855 -19.48 -17.60 -14.52
N ASN A 856 -20.38 -17.75 -13.57
CA ASN A 856 -21.76 -18.18 -13.89
C ASN A 856 -22.42 -17.09 -14.73
N PHE A 857 -22.19 -15.82 -14.44
CA PHE A 857 -22.77 -14.69 -15.19
C PHE A 857 -22.14 -14.62 -16.58
N ASP A 858 -20.84 -14.84 -16.71
CA ASP A 858 -20.16 -14.75 -18.02
C ASP A 858 -20.63 -15.88 -18.95
N ALA A 859 -20.88 -17.05 -18.40
CA ALA A 859 -21.29 -18.24 -19.19
C ALA A 859 -22.72 -18.06 -19.72
N ASP A 860 -23.59 -17.27 -19.08
CA ASP A 860 -25.05 -17.33 -19.29
C ASP A 860 -25.53 -15.98 -19.82
#